data_9UDX
#
_entry.id   9UDX
#
_cell.length_a   1.00
_cell.length_b   1.00
_cell.length_c   1.00
_cell.angle_alpha   90.00
_cell.angle_beta   90.00
_cell.angle_gamma   90.00
#
_symmetry.space_group_name_H-M   'P 1'
#
_entity_poly.entity_id   1
_entity_poly.type   'polypeptide(L)'
_entity_poly.pdbx_seq_one_letter_code
;MRSSLAPGVWFFRAFSRDSWFRGLILLLTFLIYACYHMSRKPISIVKSRLHQNCSEQIKPINDTHSLNDTMWCSWAPFDK
DNYKELLGGVDNAFLIAYAIGMFISGVFGERLPLRYYLSAGMLLSGLFTSLFGLGYFWNIHELWYFVVIQVCNGLVQTTG
WPSVVTCVGNWFGKGKRGFIMGIWNSHTSVGNILGSLIAGIWVNGQWGLSFIVPGIITAVMGVITFLFLIEHPEDVDCAP
PQHHGEPAENQDNPEDPGNSPCSIRESGLETVAKCSKGPCEEPAAISFFGALRIPGVVEFSLCLLFAKLVSYTFLYWLPL
YIANVAHFSAKEAGDLSTLFDVGGIIGGIVAGLVSDYTNGRATTCCVMLILAAPMMFLYNYIGQDGIASSIVMLIICGGL
VNGPYALITTAVSADLGTHKSLKGNAKALSTVTAIIDGTGSIGAALGPLLAGLISPTGWNNVFYMLISADVLACLLLCRL
VYKEILAWKVSLSRGSGYKEI
;
_entity_poly.pdbx_strand_id   A,B
#
# COMPACT_ATOMS: atom_id res chain seq x y z
N MET A 1 23.06 -6.85 -21.65
CA MET A 1 24.31 -6.93 -22.39
C MET A 1 25.39 -7.49 -21.46
N ARG A 2 26.16 -6.60 -20.84
CA ARG A 2 27.22 -7.03 -19.94
C ARG A 2 26.73 -7.09 -18.50
N SER A 3 25.62 -7.78 -18.27
CA SER A 3 25.14 -8.00 -16.92
C SER A 3 24.60 -9.42 -16.82
N SER A 4 24.78 -10.02 -15.64
CA SER A 4 24.12 -11.27 -15.32
C SER A 4 22.76 -10.94 -14.73
N LEU A 5 22.11 -11.92 -14.11
CA LEU A 5 20.78 -11.70 -13.60
C LEU A 5 20.84 -10.88 -12.32
N ALA A 6 19.87 -9.97 -12.15
CA ALA A 6 19.82 -9.14 -10.97
C ALA A 6 19.53 -9.99 -9.73
N PRO A 7 20.10 -9.62 -8.57
CA PRO A 7 20.02 -10.49 -7.39
C PRO A 7 18.61 -10.70 -6.85
N GLY A 8 17.67 -9.79 -7.11
CA GLY A 8 16.31 -10.05 -6.69
C GLY A 8 15.67 -11.20 -7.44
N VAL A 9 15.87 -11.25 -8.75
CA VAL A 9 15.27 -12.33 -9.53
C VAL A 9 16.02 -13.63 -9.30
N TRP A 10 17.33 -13.56 -9.09
CA TRP A 10 18.09 -14.75 -8.74
C TRP A 10 17.77 -15.25 -7.35
N PHE A 11 17.28 -14.37 -6.47
CA PHE A 11 16.79 -14.83 -5.17
C PHE A 11 15.41 -15.45 -5.27
N PHE A 12 14.49 -14.79 -5.96
CA PHE A 12 13.14 -15.34 -6.11
C PHE A 12 13.07 -16.54 -7.04
N ARG A 13 14.11 -16.85 -7.79
CA ARG A 13 14.04 -18.02 -8.65
C ARG A 13 14.18 -19.31 -7.85
N ALA A 14 14.89 -19.28 -6.73
CA ALA A 14 15.22 -20.52 -6.02
C ALA A 14 14.02 -21.13 -5.33
N PHE A 15 13.04 -20.32 -4.92
CA PHE A 15 11.82 -20.85 -4.32
C PHE A 15 10.96 -21.50 -5.39
N SER A 16 10.80 -22.82 -5.30
CA SER A 16 10.08 -23.56 -6.32
C SER A 16 8.58 -23.31 -6.23
N ARG A 17 7.84 -23.92 -7.14
CA ARG A 17 6.39 -23.72 -7.19
C ARG A 17 5.70 -24.31 -5.97
N ASP A 18 6.34 -25.30 -5.33
CA ASP A 18 5.84 -25.84 -4.07
C ASP A 18 5.73 -24.75 -3.01
N SER A 19 6.76 -23.93 -2.87
CA SER A 19 6.76 -22.92 -1.82
C SER A 19 6.26 -21.57 -2.31
N TRP A 20 5.40 -21.52 -3.32
CA TRP A 20 4.73 -20.26 -3.62
C TRP A 20 3.28 -20.22 -3.22
N PHE A 21 2.50 -21.25 -3.53
CA PHE A 21 1.13 -21.25 -3.05
C PHE A 21 1.07 -21.45 -1.55
N ARG A 22 2.07 -22.12 -0.98
CA ARG A 22 2.16 -22.24 0.47
C ARG A 22 2.58 -20.94 1.13
N GLY A 23 3.05 -19.97 0.35
CA GLY A 23 3.31 -18.65 0.88
C GLY A 23 2.15 -17.74 0.57
N LEU A 24 1.35 -18.13 -0.42
CA LEU A 24 0.11 -17.41 -0.69
C LEU A 24 -0.91 -17.65 0.41
N ILE A 25 -1.02 -18.90 0.88
CA ILE A 25 -2.15 -19.21 1.73
C ILE A 25 -1.95 -18.65 3.14
N LEU A 26 -0.69 -18.45 3.55
CA LEU A 26 -0.45 -17.76 4.82
C LEU A 26 -0.82 -16.30 4.72
N LEU A 27 -0.40 -15.63 3.65
CA LEU A 27 -0.70 -14.22 3.48
C LEU A 27 -2.19 -13.98 3.28
N LEU A 28 -2.91 -14.98 2.77
CA LEU A 28 -4.34 -14.77 2.61
C LEU A 28 -5.09 -15.03 3.92
N THR A 29 -4.88 -16.20 4.54
CA THR A 29 -5.56 -16.48 5.80
C THR A 29 -4.91 -15.81 6.99
N PHE A 30 -3.97 -14.90 6.78
CA PHE A 30 -3.60 -13.96 7.81
C PHE A 30 -4.52 -12.76 7.83
N LEU A 31 -4.81 -12.19 6.65
CA LEU A 31 -5.75 -11.08 6.57
C LEU A 31 -7.17 -11.50 6.85
N ILE A 32 -7.54 -12.72 6.43
CA ILE A 32 -8.91 -13.20 6.64
C ILE A 32 -9.24 -13.27 8.11
N TYR A 33 -8.30 -13.73 8.95
CA TYR A 33 -8.58 -13.77 10.36
C TYR A 33 -8.08 -12.53 11.09
N ALA A 34 -7.36 -11.65 10.43
CA ALA A 34 -7.13 -10.36 11.06
C ALA A 34 -8.36 -9.47 10.99
N CYS A 35 -9.15 -9.61 9.93
CA CYS A 35 -10.34 -8.75 9.80
C CYS A 35 -11.40 -9.10 10.84
N TYR A 36 -11.43 -10.33 11.32
CA TYR A 36 -12.36 -10.65 12.39
C TYR A 36 -11.98 -9.97 13.70
N HIS A 37 -10.70 -9.97 14.07
CA HIS A 37 -10.29 -9.22 15.26
C HIS A 37 -10.38 -7.72 15.05
N MET A 38 -10.32 -7.25 13.80
CA MET A 38 -10.59 -5.84 13.56
C MET A 38 -12.06 -5.51 13.82
N SER A 39 -12.95 -6.38 13.39
CA SER A 39 -14.38 -6.10 13.54
C SER A 39 -14.95 -6.55 14.88
N ARG A 40 -14.14 -7.14 15.75
CA ARG A 40 -14.64 -7.48 17.09
C ARG A 40 -14.38 -6.42 18.13
N LYS A 41 -13.44 -5.50 17.90
CA LYS A 41 -13.08 -4.53 18.92
C LYS A 41 -14.12 -3.46 19.27
N PRO A 42 -14.71 -2.68 18.34
CA PRO A 42 -15.25 -1.36 18.72
C PRO A 42 -16.42 -1.35 19.69
N ILE A 43 -16.90 -2.47 20.22
CA ILE A 43 -17.74 -2.40 21.41
C ILE A 43 -16.89 -2.15 22.65
N SER A 44 -15.57 -2.29 22.56
CA SER A 44 -14.73 -2.01 23.72
C SER A 44 -14.47 -0.52 23.89
N ILE A 45 -14.32 0.23 22.81
CA ILE A 45 -14.01 1.64 22.92
C ILE A 45 -15.25 2.46 23.24
N VAL A 46 -16.39 2.15 22.60
CA VAL A 46 -17.62 2.89 22.82
C VAL A 46 -18.27 2.53 24.16
N LYS A 47 -17.68 1.59 24.91
CA LYS A 47 -18.08 1.33 26.28
C LYS A 47 -17.88 2.54 27.18
N SER A 48 -16.88 3.37 26.88
CA SER A 48 -16.61 4.53 27.73
C SER A 48 -17.53 5.71 27.45
N ARG A 49 -17.93 5.92 26.18
CA ARG A 49 -18.62 7.16 25.85
C ARG A 49 -20.10 7.13 26.23
N LEU A 50 -20.76 5.98 26.11
CA LEU A 50 -22.21 5.91 26.24
C LEU A 50 -22.74 6.25 27.63
N HIS A 51 -21.88 6.39 28.63
CA HIS A 51 -22.27 6.98 29.90
C HIS A 51 -21.24 8.03 30.29
N GLN A 52 -21.72 9.23 30.62
CA GLN A 52 -20.83 10.32 30.99
C GLN A 52 -21.36 11.03 32.22
N ASN A 53 -20.46 11.36 33.13
CA ASN A 53 -20.76 12.27 34.24
C ASN A 53 -20.67 13.70 33.71
N CYS A 54 -21.79 14.21 33.20
CA CYS A 54 -21.82 15.51 32.55
C CYS A 54 -22.20 16.64 33.50
N SER A 55 -21.84 16.53 34.77
CA SER A 55 -21.71 17.71 35.61
C SER A 55 -20.38 18.41 35.40
N GLU A 56 -19.45 17.77 34.68
CA GLU A 56 -18.14 18.32 34.34
C GLU A 56 -18.02 18.47 32.83
N GLN A 57 -19.06 19.02 32.19
CA GLN A 57 -19.17 19.02 30.73
C GLN A 57 -19.47 20.43 30.24
N ILE A 58 -18.94 20.75 29.06
CA ILE A 58 -19.22 22.01 28.40
C ILE A 58 -20.68 22.04 27.92
N LYS A 59 -21.17 23.26 27.63
CA LYS A 59 -22.49 23.62 27.12
C LYS A 59 -23.60 23.14 28.06
N PRO A 60 -23.79 23.80 29.24
CA PRO A 60 -24.94 23.43 30.07
C PRO A 60 -26.19 24.22 29.72
N ILE A 61 -26.48 24.39 28.43
CA ILE A 61 -27.69 25.09 28.01
C ILE A 61 -28.73 24.09 27.52
N ASN A 62 -28.57 22.82 27.91
CA ASN A 62 -29.51 21.76 27.57
C ASN A 62 -30.47 21.46 28.72
N ASP A 63 -30.89 22.52 29.43
CA ASP A 63 -31.95 22.49 30.45
C ASP A 63 -31.60 21.55 31.61
N THR A 64 -30.60 21.98 32.39
CA THR A 64 -30.26 21.31 33.64
C THR A 64 -31.46 21.24 34.57
N HIS A 65 -32.17 22.36 34.74
CA HIS A 65 -33.48 22.45 35.40
C HIS A 65 -33.45 21.94 36.85
N SER A 66 -32.71 22.69 37.67
CA SER A 66 -32.55 22.46 39.12
C SER A 66 -31.94 21.08 39.40
N LEU A 67 -30.79 20.85 38.78
CA LEU A 67 -29.92 19.68 39.01
C LEU A 67 -30.63 18.35 38.72
N ASN A 68 -30.99 18.18 37.46
CA ASN A 68 -31.57 16.92 37.02
C ASN A 68 -30.46 15.97 36.56
N ASP A 69 -30.85 14.91 35.87
CA ASP A 69 -29.97 13.78 35.62
C ASP A 69 -29.01 14.05 34.46
N THR A 70 -28.39 13.00 33.97
CA THR A 70 -27.46 13.02 32.84
C THR A 70 -28.17 12.68 31.54
N MET A 71 -29.44 13.07 31.42
CA MET A 71 -30.24 12.74 30.25
C MET A 71 -29.77 13.48 29.01
N TRP A 72 -29.34 14.73 29.18
CA TRP A 72 -29.04 15.57 28.02
C TRP A 72 -27.70 15.23 27.37
N CYS A 73 -26.85 14.47 28.06
CA CYS A 73 -25.49 14.23 27.59
C CYS A 73 -25.26 12.78 27.18
N SER A 74 -25.53 11.84 28.08
CA SER A 74 -25.29 10.44 27.78
C SER A 74 -26.39 9.89 26.87
N TRP A 75 -26.18 8.66 26.41
CA TRP A 75 -27.14 8.01 25.54
C TRP A 75 -28.29 7.46 26.38
N ALA A 76 -29.48 7.41 25.79
CA ALA A 76 -30.69 7.36 26.62
C ALA A 76 -31.00 5.98 27.25
N PRO A 77 -30.80 4.83 26.61
CA PRO A 77 -30.85 3.58 27.37
C PRO A 77 -29.58 3.26 28.16
N PHE A 78 -28.60 4.16 28.22
CA PHE A 78 -27.42 3.97 29.07
C PHE A 78 -27.14 5.23 29.87
N ASP A 79 -28.17 5.81 30.48
CA ASP A 79 -28.05 7.08 31.16
C ASP A 79 -28.10 7.00 32.68
N LYS A 80 -28.87 6.08 33.24
CA LYS A 80 -29.14 6.07 34.68
C LYS A 80 -28.02 5.36 35.42
N ASP A 81 -28.26 5.01 36.68
CA ASP A 81 -27.24 4.39 37.52
C ASP A 81 -26.93 2.95 37.13
N ASN A 82 -27.76 2.33 36.31
CA ASN A 82 -27.56 0.95 35.89
C ASN A 82 -26.73 0.83 34.61
N TYR A 83 -25.95 1.86 34.27
CA TYR A 83 -25.14 1.83 33.07
C TYR A 83 -24.06 0.76 33.16
N LYS A 84 -23.53 0.52 34.35
CA LYS A 84 -22.59 -0.57 34.54
C LYS A 84 -23.33 -1.90 34.55
N GLU A 85 -24.61 -1.90 34.89
CA GLU A 85 -25.38 -3.12 34.97
C GLU A 85 -26.19 -3.39 33.72
N LEU A 86 -25.99 -2.61 32.66
CA LEU A 86 -26.57 -2.92 31.37
C LEU A 86 -25.55 -3.10 30.25
N LEU A 87 -24.40 -2.43 30.33
CA LEU A 87 -23.31 -2.73 29.42
C LEU A 87 -22.87 -4.18 29.53
N GLY A 88 -22.78 -4.69 30.76
CA GLY A 88 -22.59 -6.11 30.98
C GLY A 88 -23.75 -6.95 30.47
N GLY A 89 -24.95 -6.37 30.39
CA GLY A 89 -26.04 -7.06 29.75
C GLY A 89 -25.88 -7.12 28.24
N VAL A 90 -25.13 -6.17 27.67
CA VAL A 90 -24.94 -6.18 26.22
C VAL A 90 -23.85 -7.17 25.83
N ASP A 91 -22.68 -7.05 26.45
CA ASP A 91 -21.54 -7.82 25.98
C ASP A 91 -21.66 -9.29 26.32
N ASN A 92 -22.36 -9.62 27.42
CA ASN A 92 -22.66 -11.03 27.69
C ASN A 92 -23.65 -11.61 26.70
N ALA A 93 -24.39 -10.77 25.99
CA ALA A 93 -25.20 -11.26 24.89
C ALA A 93 -24.39 -11.51 23.62
N PHE A 94 -23.08 -11.32 23.65
CA PHE A 94 -22.21 -11.78 22.59
C PHE A 94 -21.42 -13.02 22.99
N LEU A 95 -20.68 -12.93 24.10
CA LEU A 95 -19.76 -13.98 24.51
C LEU A 95 -20.45 -15.28 24.88
N ILE A 96 -21.73 -15.23 25.26
CA ILE A 96 -22.51 -16.46 25.37
C ILE A 96 -22.79 -17.02 23.98
N ALA A 97 -23.37 -16.20 23.11
CA ALA A 97 -23.82 -16.73 21.83
C ALA A 97 -22.69 -17.02 20.86
N TYR A 98 -21.46 -16.62 21.18
CA TYR A 98 -20.30 -17.04 20.43
C TYR A 98 -19.77 -18.39 20.90
N ALA A 99 -20.02 -18.77 22.14
CA ALA A 99 -19.52 -20.04 22.64
C ALA A 99 -20.52 -21.17 22.47
N ILE A 100 -21.73 -20.89 22.03
CA ILE A 100 -22.65 -21.93 21.63
C ILE A 100 -22.55 -22.17 20.14
N GLY A 101 -22.22 -21.13 19.37
CA GLY A 101 -22.11 -21.28 17.93
C GLY A 101 -20.87 -22.05 17.51
N MET A 102 -19.84 -22.06 18.35
CA MET A 102 -18.56 -22.63 17.94
C MET A 102 -18.61 -24.15 17.95
N PHE A 103 -19.44 -24.74 18.79
CA PHE A 103 -19.65 -26.18 18.74
C PHE A 103 -20.49 -26.61 17.53
N ILE A 104 -21.29 -25.71 16.96
CA ILE A 104 -22.17 -26.13 15.89
C ILE A 104 -21.73 -25.61 14.53
N SER A 105 -21.30 -24.36 14.44
CA SER A 105 -20.89 -23.79 13.16
C SER A 105 -19.42 -24.03 12.85
N GLY A 106 -18.83 -25.07 13.43
CA GLY A 106 -17.69 -25.71 12.82
C GLY A 106 -18.09 -26.98 12.11
N VAL A 107 -19.17 -27.63 12.58
CA VAL A 107 -19.64 -28.89 12.02
C VAL A 107 -20.13 -28.69 10.59
N PHE A 108 -20.66 -27.52 10.27
CA PHE A 108 -21.03 -27.24 8.89
C PHE A 108 -19.82 -27.05 8.00
N GLY A 109 -18.64 -26.78 8.58
CA GLY A 109 -17.43 -26.70 7.79
C GLY A 109 -16.94 -28.04 7.28
N GLU A 110 -17.44 -29.14 7.86
CA GLU A 110 -17.12 -30.46 7.34
C GLU A 110 -17.83 -30.74 6.03
N ARG A 111 -19.01 -30.17 5.85
CA ARG A 111 -19.87 -30.59 4.76
C ARG A 111 -19.81 -29.64 3.57
N LEU A 112 -19.98 -28.35 3.81
CA LEU A 112 -20.12 -27.37 2.75
C LEU A 112 -18.79 -27.11 2.07
N PRO A 113 -18.80 -26.58 0.85
CA PRO A 113 -17.56 -26.09 0.26
C PRO A 113 -17.02 -24.94 1.08
N LEU A 114 -15.71 -24.95 1.30
CA LEU A 114 -15.13 -24.12 2.33
C LEU A 114 -15.12 -22.64 1.94
N ARG A 115 -14.90 -22.36 0.66
CA ARG A 115 -14.76 -20.98 0.23
C ARG A 115 -16.09 -20.26 0.28
N TYR A 116 -17.17 -20.93 -0.11
CA TYR A 116 -18.49 -20.36 -0.02
C TYR A 116 -18.92 -20.14 1.42
N TYR A 117 -18.62 -21.11 2.29
CA TYR A 117 -18.91 -21.02 3.71
C TYR A 117 -18.13 -19.90 4.38
N LEU A 118 -16.96 -19.57 3.86
CA LEU A 118 -16.21 -18.49 4.49
C LEU A 118 -16.68 -17.14 3.99
N SER A 119 -16.96 -17.01 2.70
CA SER A 119 -17.42 -15.73 2.18
C SER A 119 -18.83 -15.39 2.63
N ALA A 120 -19.70 -16.38 2.82
CA ALA A 120 -21.03 -16.11 3.35
C ALA A 120 -21.03 -15.85 4.86
N GLY A 121 -19.87 -15.87 5.50
CA GLY A 121 -19.76 -15.43 6.88
C GLY A 121 -19.12 -14.07 6.94
N MET A 122 -18.12 -13.84 6.10
CA MET A 122 -17.52 -12.52 6.09
C MET A 122 -18.36 -11.47 5.38
N LEU A 123 -19.37 -11.86 4.62
CA LEU A 123 -20.33 -10.88 4.15
C LEU A 123 -21.53 -10.70 5.07
N LEU A 124 -21.58 -11.41 6.19
CA LEU A 124 -22.61 -11.14 7.16
C LEU A 124 -22.09 -10.53 8.46
N SER A 125 -20.81 -10.75 8.78
CA SER A 125 -20.23 -10.07 9.93
C SER A 125 -20.19 -8.57 9.71
N GLY A 126 -19.79 -8.15 8.53
CA GLY A 126 -19.79 -6.74 8.18
C GLY A 126 -21.15 -6.16 7.94
N LEU A 127 -22.17 -6.99 7.83
CA LEU A 127 -23.52 -6.47 7.82
C LEU A 127 -24.06 -6.31 9.23
N PHE A 128 -23.74 -7.23 10.12
CA PHE A 128 -24.31 -7.13 11.45
C PHE A 128 -23.61 -6.10 12.35
N THR A 129 -22.29 -5.90 12.19
CA THR A 129 -21.68 -4.76 12.89
C THR A 129 -22.23 -3.44 12.34
N SER A 130 -22.51 -3.39 11.04
CA SER A 130 -23.05 -2.19 10.44
C SER A 130 -24.47 -1.91 10.92
N LEU A 131 -25.29 -2.95 11.07
CA LEU A 131 -26.62 -2.77 11.63
C LEU A 131 -26.59 -2.48 13.12
N PHE A 132 -25.52 -2.83 13.82
CA PHE A 132 -25.32 -2.21 15.13
C PHE A 132 -25.03 -0.73 14.98
N GLY A 133 -24.28 -0.36 13.95
CA GLY A 133 -23.97 1.05 13.74
C GLY A 133 -25.13 1.88 13.26
N LEU A 134 -26.21 1.25 12.79
CA LEU A 134 -27.39 1.99 12.33
C LEU A 134 -28.32 2.28 13.50
N GLY A 135 -27.78 2.89 14.54
CA GLY A 135 -28.60 3.34 15.63
C GLY A 135 -28.42 4.82 15.80
N TYR A 136 -27.25 5.30 15.41
CA TYR A 136 -26.95 6.71 15.53
C TYR A 136 -27.68 7.52 14.48
N PHE A 137 -27.91 6.92 13.31
CA PHE A 137 -28.54 7.64 12.21
C PHE A 137 -30.05 7.48 12.20
N TRP A 138 -30.60 6.80 13.20
CA TRP A 138 -32.03 6.62 13.29
C TRP A 138 -32.51 6.89 14.71
N ASN A 139 -31.59 7.16 15.64
CA ASN A 139 -31.85 7.58 17.02
C ASN A 139 -32.66 6.52 17.78
N ILE A 140 -32.11 5.33 17.82
CA ILE A 140 -32.78 4.20 18.46
C ILE A 140 -32.39 4.18 19.92
N HIS A 141 -33.39 4.14 20.80
CA HIS A 141 -33.16 4.28 22.23
C HIS A 141 -33.91 3.22 23.01
N GLU A 142 -33.93 1.99 22.52
CA GLU A 142 -34.49 0.87 23.27
C GLU A 142 -33.39 -0.15 23.47
N LEU A 143 -33.37 -0.78 24.66
CA LEU A 143 -32.29 -1.71 24.99
C LEU A 143 -32.40 -3.00 24.22
N TRP A 144 -33.59 -3.34 23.73
CA TRP A 144 -33.78 -4.67 23.16
C TRP A 144 -33.28 -4.73 21.72
N TYR A 145 -33.08 -3.59 21.08
CA TYR A 145 -32.44 -3.61 19.77
C TYR A 145 -30.96 -3.89 19.91
N PHE A 146 -30.34 -3.38 20.97
CA PHE A 146 -28.91 -3.49 21.12
C PHE A 146 -28.47 -4.77 21.81
N VAL A 147 -29.36 -5.75 21.96
CA VAL A 147 -28.96 -7.08 22.38
C VAL A 147 -29.34 -8.15 21.38
N VAL A 148 -30.35 -7.93 20.53
CA VAL A 148 -30.65 -8.93 19.50
C VAL A 148 -29.75 -8.76 18.30
N ILE A 149 -28.94 -7.70 18.26
CA ILE A 149 -27.88 -7.60 17.27
C ILE A 149 -26.68 -8.43 17.69
N GLN A 150 -26.16 -8.18 18.88
CA GLN A 150 -24.94 -8.87 19.31
C GLN A 150 -25.17 -10.33 19.65
N VAL A 151 -26.39 -10.84 19.60
CA VAL A 151 -26.60 -12.28 19.53
C VAL A 151 -26.43 -12.77 18.10
N CYS A 152 -27.13 -12.13 17.17
CA CYS A 152 -27.03 -12.54 15.78
C CYS A 152 -25.68 -12.21 15.18
N ASN A 153 -24.94 -11.27 15.77
CA ASN A 153 -23.56 -11.01 15.38
C ASN A 153 -22.59 -11.98 16.05
N GLY A 154 -23.09 -12.88 16.88
CA GLY A 154 -22.25 -13.82 17.58
C GLY A 154 -22.45 -15.24 17.08
N LEU A 155 -23.38 -15.41 16.15
CA LEU A 155 -23.49 -16.65 15.41
C LEU A 155 -22.77 -16.57 14.07
N VAL A 156 -22.46 -15.36 13.61
CA VAL A 156 -21.84 -15.18 12.33
C VAL A 156 -20.33 -15.24 12.43
N GLN A 157 -19.74 -14.55 13.39
CA GLN A 157 -18.29 -14.55 13.55
C GLN A 157 -17.76 -15.82 14.19
N THR A 158 -18.57 -16.86 14.30
CA THR A 158 -18.03 -18.17 14.57
C THR A 158 -17.20 -18.67 13.41
N THR A 159 -17.69 -18.49 12.17
CA THR A 159 -17.21 -19.17 10.97
C THR A 159 -15.77 -18.85 10.60
N GLY A 160 -15.07 -18.01 11.33
CA GLY A 160 -13.67 -17.81 11.04
C GLY A 160 -12.82 -19.00 11.41
N TRP A 161 -12.66 -19.23 12.70
CA TRP A 161 -11.61 -20.11 13.18
C TRP A 161 -11.74 -21.60 12.86
N PRO A 162 -12.92 -22.19 12.65
CA PRO A 162 -12.94 -23.54 12.06
C PRO A 162 -12.62 -23.57 10.59
N SER A 163 -12.59 -22.44 9.90
CA SER A 163 -12.36 -22.43 8.47
C SER A 163 -11.11 -21.65 8.11
N VAL A 164 -10.21 -21.49 9.07
CA VAL A 164 -8.93 -20.86 8.85
C VAL A 164 -7.79 -21.84 9.09
N VAL A 165 -7.91 -22.71 10.09
CA VAL A 165 -6.95 -23.80 10.19
C VAL A 165 -7.53 -25.04 9.53
N THR A 166 -8.54 -24.87 8.69
CA THR A 166 -8.87 -25.92 7.74
C THR A 166 -8.14 -25.70 6.43
N CYS A 167 -7.99 -24.45 6.01
CA CYS A 167 -7.18 -24.13 4.85
C CYS A 167 -5.71 -24.46 5.11
N VAL A 168 -5.18 -24.00 6.24
CA VAL A 168 -3.77 -24.22 6.53
C VAL A 168 -3.49 -25.68 6.86
N GLY A 169 -4.51 -26.44 7.27
CA GLY A 169 -4.28 -27.85 7.50
C GLY A 169 -4.11 -28.65 6.23
N ASN A 170 -4.69 -28.22 5.13
CA ASN A 170 -4.63 -29.00 3.90
C ASN A 170 -3.31 -28.84 3.15
N TRP A 171 -2.49 -27.87 3.50
CA TRP A 171 -1.25 -27.62 2.77
C TRP A 171 -0.01 -28.11 3.50
N PHE A 172 0.05 -27.94 4.81
CA PHE A 172 1.27 -28.15 5.58
C PHE A 172 1.25 -29.46 6.33
N GLY A 173 2.43 -30.01 6.55
CA GLY A 173 2.58 -31.31 7.16
C GLY A 173 3.15 -31.25 8.56
N LYS A 174 3.99 -32.23 8.87
CA LYS A 174 4.68 -32.30 10.17
C LYS A 174 6.08 -31.73 10.02
N GLY A 175 6.21 -30.64 9.29
CA GLY A 175 7.52 -30.07 9.10
C GLY A 175 7.81 -29.19 10.29
N LYS A 176 8.05 -27.91 10.06
CA LYS A 176 8.22 -26.99 11.17
C LYS A 176 6.89 -26.30 11.47
N ARG A 177 5.93 -27.13 11.90
CA ARG A 177 4.56 -26.68 12.09
C ARG A 177 4.43 -25.73 13.28
N GLY A 178 5.05 -26.09 14.40
CA GLY A 178 4.97 -25.25 15.59
C GLY A 178 5.65 -23.90 15.46
N PHE A 179 6.53 -23.74 14.47
CA PHE A 179 7.19 -22.47 14.23
C PHE A 179 6.46 -21.62 13.19
N ILE A 180 6.00 -22.26 12.11
CA ILE A 180 5.24 -21.53 11.09
C ILE A 180 3.90 -21.09 11.64
N MET A 181 3.14 -21.99 12.24
CA MET A 181 1.86 -21.60 12.81
C MET A 181 2.00 -20.94 14.17
N GLY A 182 3.22 -20.66 14.62
CA GLY A 182 3.46 -19.81 15.76
C GLY A 182 3.75 -18.38 15.34
N ILE A 183 4.56 -18.21 14.30
CA ILE A 183 4.73 -16.88 13.70
C ILE A 183 3.42 -16.42 13.10
N TRP A 184 2.67 -17.35 12.53
CA TRP A 184 1.39 -17.04 11.91
C TRP A 184 0.35 -16.58 12.91
N ASN A 185 0.49 -16.90 14.20
CA ASN A 185 -0.52 -16.52 15.17
C ASN A 185 -0.35 -15.09 15.67
N SER A 186 0.32 -14.23 14.91
CA SER A 186 0.38 -12.82 15.25
C SER A 186 -0.86 -12.05 14.84
N HIS A 187 -1.86 -12.72 14.24
CA HIS A 187 -3.04 -11.99 13.82
C HIS A 187 -3.91 -11.60 15.00
N THR A 188 -3.96 -12.41 16.06
CA THR A 188 -4.77 -12.04 17.23
C THR A 188 -4.16 -10.90 18.03
N SER A 189 -2.98 -10.43 17.67
CA SER A 189 -2.44 -9.22 18.27
C SER A 189 -2.23 -8.09 17.27
N VAL A 190 -2.22 -8.38 15.97
CA VAL A 190 -2.23 -7.29 14.99
C VAL A 190 -3.64 -6.89 14.64
N GLY A 191 -4.64 -7.63 15.10
CA GLY A 191 -6.00 -7.22 14.87
C GLY A 191 -6.49 -6.27 15.92
N ASN A 192 -6.11 -6.53 17.18
CA ASN A 192 -6.55 -5.71 18.31
C ASN A 192 -6.02 -4.29 18.20
N ILE A 193 -4.80 -4.13 17.73
CA ILE A 193 -4.18 -2.81 17.68
C ILE A 193 -4.83 -1.96 16.61
N LEU A 194 -5.04 -2.53 15.42
CA LEU A 194 -5.73 -1.78 14.36
C LEU A 194 -7.20 -1.57 14.68
N GLY A 195 -7.80 -2.45 15.48
CA GLY A 195 -9.16 -2.20 15.93
C GLY A 195 -9.23 -1.05 16.91
N SER A 196 -8.29 -1.00 17.86
CA SER A 196 -8.27 0.11 18.79
C SER A 196 -7.87 1.42 18.13
N LEU A 197 -7.13 1.37 17.02
CA LEU A 197 -6.71 2.59 16.36
C LEU A 197 -7.75 3.11 15.38
N ILE A 198 -8.38 2.23 14.59
CA ILE A 198 -9.36 2.69 13.62
C ILE A 198 -10.65 3.12 14.32
N ALA A 199 -11.09 2.35 15.32
CA ALA A 199 -12.29 2.75 16.04
C ALA A 199 -12.04 3.90 17.00
N GLY A 200 -10.79 4.26 17.26
CA GLY A 200 -10.47 5.38 18.09
C GLY A 200 -10.63 6.73 17.44
N ILE A 201 -10.85 6.77 16.14
CA ILE A 201 -10.92 8.05 15.42
C ILE A 201 -12.26 8.75 15.67
N TRP A 202 -13.36 8.04 15.46
CA TRP A 202 -14.67 8.67 15.49
C TRP A 202 -15.37 8.50 16.84
N VAL A 203 -14.64 8.51 17.95
CA VAL A 203 -15.25 8.23 19.25
C VAL A 203 -16.10 9.42 19.67
N ASN A 204 -15.43 10.53 19.94
CA ASN A 204 -16.12 11.79 20.17
C ASN A 204 -16.17 12.58 18.87
N GLY A 205 -17.24 13.34 18.70
CA GLY A 205 -17.64 13.79 17.39
C GLY A 205 -18.97 13.14 17.07
N GLN A 206 -18.97 12.15 16.19
CA GLN A 206 -20.12 11.28 16.05
C GLN A 206 -19.66 9.82 16.01
N TRP A 207 -20.28 9.00 16.85
CA TRP A 207 -19.81 7.65 17.10
C TRP A 207 -20.47 6.60 16.21
N GLY A 208 -21.39 7.00 15.35
CA GLY A 208 -22.01 6.02 14.46
C GLY A 208 -21.05 5.52 13.40
N LEU A 209 -20.07 6.33 13.01
CA LEU A 209 -19.10 5.93 12.02
C LEU A 209 -17.87 5.30 12.61
N SER A 210 -17.99 4.65 13.77
CA SER A 210 -16.92 3.83 14.29
C SER A 210 -17.20 2.36 14.13
N PHE A 211 -18.44 1.98 13.86
CA PHE A 211 -18.77 0.58 13.57
C PHE A 211 -18.94 0.32 12.09
N ILE A 212 -19.45 1.29 11.34
CA ILE A 212 -19.83 1.03 9.97
C ILE A 212 -18.61 0.89 9.09
N VAL A 213 -17.52 1.59 9.40
CA VAL A 213 -16.30 1.50 8.60
C VAL A 213 -15.58 0.16 8.77
N PRO A 214 -15.44 -0.42 9.98
CA PRO A 214 -14.96 -1.82 10.03
C PRO A 214 -15.94 -2.82 9.43
N GLY A 215 -17.25 -2.56 9.50
CA GLY A 215 -18.21 -3.41 8.82
C GLY A 215 -18.15 -3.30 7.31
N ILE A 216 -17.57 -2.24 6.79
CA ILE A 216 -17.32 -2.17 5.36
C ILE A 216 -16.01 -2.83 5.00
N ILE A 217 -14.97 -2.67 5.83
CA ILE A 217 -13.68 -3.29 5.56
C ILE A 217 -13.79 -4.82 5.59
N THR A 218 -14.58 -5.37 6.52
CA THR A 218 -14.71 -6.82 6.60
C THR A 218 -15.46 -7.39 5.40
N ALA A 219 -16.54 -6.74 4.99
CA ALA A 219 -17.24 -7.26 3.81
C ALA A 219 -16.52 -6.96 2.51
N VAL A 220 -15.56 -6.02 2.50
CA VAL A 220 -14.71 -5.88 1.31
C VAL A 220 -13.68 -7.01 1.26
N MET A 221 -13.10 -7.38 2.41
CA MET A 221 -12.21 -8.53 2.44
C MET A 221 -12.96 -9.83 2.17
N GLY A 222 -14.26 -9.83 2.42
CA GLY A 222 -15.10 -10.99 2.19
C GLY A 222 -15.29 -11.38 0.73
N VAL A 223 -14.88 -10.55 -0.22
CA VAL A 223 -14.91 -10.97 -1.62
C VAL A 223 -13.53 -11.15 -2.20
N ILE A 224 -12.50 -10.55 -1.63
CA ILE A 224 -11.16 -10.96 -1.99
C ILE A 224 -10.91 -12.39 -1.52
N THR A 225 -11.50 -12.79 -0.37
CA THR A 225 -11.47 -14.20 -0.03
C THR A 225 -12.43 -15.04 -0.87
N PHE A 226 -13.35 -14.42 -1.61
CA PHE A 226 -14.15 -15.19 -2.54
C PHE A 226 -13.40 -15.46 -3.82
N LEU A 227 -12.58 -14.52 -4.26
CA LEU A 227 -11.95 -14.67 -5.55
C LEU A 227 -10.62 -15.42 -5.51
N PHE A 228 -10.07 -15.71 -4.33
CA PHE A 228 -8.69 -16.18 -4.35
C PHE A 228 -8.38 -17.29 -3.35
N LEU A 229 -9.36 -18.06 -2.88
CA LEU A 229 -9.12 -19.04 -1.83
C LEU A 229 -9.02 -20.42 -2.45
N ILE A 230 -7.81 -20.87 -2.73
CA ILE A 230 -7.57 -22.20 -3.27
C ILE A 230 -7.47 -23.15 -2.08
N GLU A 231 -8.43 -24.06 -1.95
CA GLU A 231 -8.47 -24.90 -0.76
C GLU A 231 -7.50 -26.09 -0.85
N HIS A 232 -7.70 -26.97 -1.78
CA HIS A 232 -6.89 -28.18 -1.83
C HIS A 232 -5.64 -27.97 -2.67
N PRO A 233 -4.54 -28.66 -2.37
CA PRO A 233 -3.35 -28.53 -3.22
C PRO A 233 -3.47 -29.29 -4.52
N GLU A 234 -4.49 -30.12 -4.67
CA GLU A 234 -4.69 -30.86 -5.91
C GLU A 234 -5.57 -30.11 -6.89
N ASP A 235 -6.24 -29.04 -6.47
CA ASP A 235 -7.08 -28.28 -7.39
C ASP A 235 -6.27 -27.39 -8.31
N VAL A 236 -5.05 -27.05 -7.94
CA VAL A 236 -4.14 -26.37 -8.86
C VAL A 236 -2.90 -27.22 -9.12
N ASP A 237 -2.99 -28.52 -8.80
CA ASP A 237 -2.01 -29.54 -9.18
C ASP A 237 -0.63 -29.28 -8.59
N CYS A 238 -0.61 -28.98 -7.29
CA CYS A 238 0.64 -28.85 -6.56
C CYS A 238 1.01 -30.18 -5.95
N ALA A 239 1.97 -30.17 -5.04
CA ALA A 239 2.23 -31.43 -4.35
C ALA A 239 1.33 -31.55 -3.13
N PRO A 240 0.74 -32.72 -2.90
CA PRO A 240 0.02 -32.95 -1.65
C PRO A 240 1.00 -32.97 -0.50
N PRO A 241 0.54 -32.70 0.74
CA PRO A 241 1.48 -32.56 1.86
C PRO A 241 2.07 -33.88 2.32
N GLN A 242 2.80 -33.85 3.42
CA GLN A 242 3.42 -35.05 3.95
C GLN A 242 2.33 -35.97 4.51
N HIS A 243 2.71 -37.18 4.91
CA HIS A 243 1.78 -38.17 5.45
C HIS A 243 1.19 -37.81 6.82
N HIS A 244 1.49 -36.61 7.33
CA HIS A 244 1.06 -36.10 8.63
C HIS A 244 1.57 -37.01 9.74
N GLY A 245 2.75 -37.60 9.52
CA GLY A 245 3.31 -38.58 10.44
C GLY A 245 4.82 -38.66 10.25
N CYS A 280 -9.08 -43.66 -5.83
CA CYS A 280 -9.81 -44.06 -4.63
C CYS A 280 -10.97 -43.10 -4.37
N GLU A 281 -11.74 -43.39 -3.32
CA GLU A 281 -12.86 -42.54 -2.93
C GLU A 281 -12.41 -41.50 -1.91
N GLU A 282 -12.80 -40.26 -2.14
CA GLU A 282 -12.50 -39.19 -1.19
C GLU A 282 -13.34 -39.38 0.07
N PRO A 283 -12.76 -39.15 1.26
CA PRO A 283 -13.50 -39.44 2.49
C PRO A 283 -14.67 -38.49 2.71
N ALA A 284 -15.75 -39.03 3.28
CA ALA A 284 -17.02 -38.29 3.30
C ALA A 284 -17.05 -37.26 4.43
N ALA A 285 -17.07 -37.72 5.67
CA ALA A 285 -17.30 -36.85 6.81
C ALA A 285 -16.87 -37.55 8.08
N ILE A 286 -17.25 -36.98 9.22
CA ILE A 286 -17.14 -37.65 10.52
C ILE A 286 -18.33 -37.21 11.35
N SER A 287 -18.76 -38.07 12.28
CA SER A 287 -19.78 -37.70 13.22
C SER A 287 -19.17 -36.89 14.36
N PHE A 288 -20.02 -36.13 15.05
CA PHE A 288 -19.52 -35.26 16.12
C PHE A 288 -19.08 -36.07 17.33
N PHE A 289 -19.86 -37.07 17.71
CA PHE A 289 -19.47 -37.92 18.82
C PHE A 289 -18.30 -38.81 18.44
N GLY A 290 -18.16 -39.13 17.16
CA GLY A 290 -17.03 -39.91 16.69
C GLY A 290 -15.72 -39.17 16.75
N ALA A 291 -15.75 -37.83 16.79
CA ALA A 291 -14.52 -37.07 16.90
C ALA A 291 -14.04 -36.95 18.35
N LEU A 292 -14.90 -37.26 19.31
CA LEU A 292 -14.49 -37.20 20.71
C LEU A 292 -13.56 -38.35 21.10
N ARG A 293 -13.57 -39.43 20.34
CA ARG A 293 -12.78 -40.60 20.69
C ARG A 293 -11.33 -40.51 20.24
N ILE A 294 -10.94 -39.38 19.66
CA ILE A 294 -9.52 -39.12 19.36
C ILE A 294 -8.76 -39.03 20.68
N PRO A 295 -7.54 -39.58 20.80
CA PRO A 295 -6.91 -39.70 22.13
C PRO A 295 -6.39 -38.42 22.76
N GLY A 296 -6.73 -37.25 22.23
CA GLY A 296 -6.31 -36.04 22.91
C GLY A 296 -7.35 -34.96 23.08
N VAL A 297 -8.50 -35.10 22.41
CA VAL A 297 -9.39 -33.95 22.23
C VAL A 297 -10.16 -33.61 23.49
N VAL A 298 -10.21 -34.50 24.48
CA VAL A 298 -10.90 -34.14 25.72
C VAL A 298 -9.95 -33.41 26.66
N GLU A 299 -8.74 -33.94 26.86
CA GLU A 299 -7.81 -33.32 27.79
C GLU A 299 -7.26 -31.99 27.26
N PHE A 300 -7.18 -31.82 25.95
CA PHE A 300 -6.74 -30.55 25.39
C PHE A 300 -7.86 -29.54 25.23
N SER A 301 -8.96 -29.71 25.92
CA SER A 301 -9.96 -28.66 25.89
C SER A 301 -10.38 -28.19 27.27
N LEU A 302 -10.54 -29.11 28.21
CA LEU A 302 -10.81 -28.73 29.60
C LEU A 302 -9.54 -28.39 30.36
N CYS A 303 -8.40 -28.38 29.68
CA CYS A 303 -7.23 -27.65 30.12
C CYS A 303 -7.25 -26.21 29.64
N LEU A 304 -7.73 -26.00 28.42
CA LEU A 304 -7.66 -24.69 27.80
C LEU A 304 -8.72 -23.75 28.34
N LEU A 305 -9.82 -24.29 28.88
CA LEU A 305 -10.83 -23.44 29.52
C LEU A 305 -10.27 -22.81 30.79
N PHE A 306 -9.34 -23.48 31.44
CA PHE A 306 -8.70 -22.95 32.62
C PHE A 306 -7.41 -22.22 32.30
N ALA A 307 -7.25 -21.73 31.07
CA ALA A 307 -6.16 -20.83 30.76
C ALA A 307 -6.64 -19.52 30.16
N LYS A 308 -7.70 -19.55 29.35
CA LYS A 308 -8.33 -18.32 28.93
C LYS A 308 -8.94 -17.58 30.13
N LEU A 309 -9.43 -18.33 31.11
CA LEU A 309 -9.93 -17.72 32.33
C LEU A 309 -8.81 -17.07 33.13
N VAL A 310 -7.63 -17.68 33.12
CA VAL A 310 -6.46 -17.04 33.74
C VAL A 310 -6.09 -15.77 33.01
N SER A 311 -6.13 -15.81 31.67
CA SER A 311 -5.73 -14.65 30.89
C SER A 311 -6.75 -13.52 30.99
N TYR A 312 -8.00 -13.84 31.31
CA TYR A 312 -8.98 -12.77 31.53
C TYR A 312 -8.91 -12.23 32.95
N THR A 313 -8.70 -13.13 33.92
CA THR A 313 -8.62 -12.74 35.32
C THR A 313 -7.43 -11.83 35.58
N PHE A 314 -6.29 -12.11 34.94
CA PHE A 314 -5.10 -11.29 35.16
C PHE A 314 -5.26 -9.90 34.58
N LEU A 315 -5.83 -9.80 33.38
CA LEU A 315 -5.98 -8.49 32.74
C LEU A 315 -7.10 -7.68 33.40
N TYR A 316 -8.07 -8.36 34.02
CA TYR A 316 -9.04 -7.64 34.84
C TYR A 316 -8.45 -7.20 36.17
N TRP A 317 -7.50 -7.97 36.69
CA TRP A 317 -6.96 -7.69 38.02
C TRP A 317 -5.92 -6.58 38.00
N LEU A 318 -5.17 -6.47 36.91
CA LEU A 318 -4.00 -5.59 36.92
C LEU A 318 -4.28 -4.09 37.09
N PRO A 319 -5.33 -3.47 36.51
CA PRO A 319 -5.59 -2.06 36.86
C PRO A 319 -6.00 -1.85 38.30
N LEU A 320 -6.79 -2.77 38.88
CA LEU A 320 -7.11 -2.66 40.30
C LEU A 320 -5.90 -2.89 41.19
N TYR A 321 -4.87 -3.58 40.69
CA TYR A 321 -3.64 -3.68 41.45
C TYR A 321 -2.84 -2.40 41.38
N ILE A 322 -2.65 -1.85 40.18
CA ILE A 322 -1.79 -0.68 40.07
C ILE A 322 -2.46 0.60 40.53
N ALA A 323 -3.78 0.60 40.73
CA ALA A 323 -4.43 1.81 41.23
C ALA A 323 -4.12 2.05 42.69
N ASN A 324 -4.43 1.08 43.55
CA ASN A 324 -4.42 1.30 44.99
C ASN A 324 -3.05 1.10 45.64
N VAL A 325 -2.05 0.63 44.89
CA VAL A 325 -0.75 0.34 45.47
C VAL A 325 0.34 1.16 44.79
N ALA A 326 0.44 1.02 43.46
CA ALA A 326 1.57 1.59 42.73
C ALA A 326 1.48 3.10 42.58
N HIS A 327 0.28 3.67 42.66
CA HIS A 327 0.00 5.09 42.42
C HIS A 327 0.54 5.54 41.07
N PHE A 328 0.16 4.78 40.05
CA PHE A 328 0.80 4.85 38.75
C PHE A 328 -0.09 5.58 37.75
N SER A 329 0.55 6.23 36.77
CA SER A 329 -0.17 7.00 35.77
C SER A 329 -0.96 6.08 34.84
N ALA A 330 -2.25 6.36 34.70
CA ALA A 330 -3.15 5.51 33.92
C ALA A 330 -2.96 5.66 32.42
N LYS A 331 -2.12 6.59 31.96
CA LYS A 331 -1.87 6.72 30.53
C LYS A 331 -0.90 5.65 30.04
N GLU A 332 -0.24 4.95 30.95
CA GLU A 332 0.71 3.91 30.58
C GLU A 332 0.16 2.50 30.82
N ALA A 333 -0.94 2.38 31.56
CA ALA A 333 -1.58 1.07 31.74
C ALA A 333 -2.15 0.54 30.44
N GLY A 334 -2.58 1.43 29.55
CA GLY A 334 -2.99 1.01 28.22
C GLY A 334 -1.82 0.47 27.41
N ASP A 335 -0.61 0.94 27.69
CA ASP A 335 0.57 0.36 27.07
C ASP A 335 0.94 -0.96 27.73
N LEU A 336 0.64 -1.10 29.03
CA LEU A 336 0.89 -2.35 29.75
C LEU A 336 0.02 -3.48 29.21
N SER A 337 -1.26 -3.17 28.98
CA SER A 337 -2.19 -4.14 28.41
C SER A 337 -1.93 -4.45 26.94
N THR A 338 -0.96 -3.79 26.31
CA THR A 338 -0.50 -4.16 24.99
C THR A 338 0.81 -4.92 25.07
N LEU A 339 1.67 -4.55 26.03
CA LEU A 339 2.90 -5.30 26.27
C LEU A 339 2.63 -6.73 26.70
N PHE A 340 1.49 -6.95 27.37
CA PHE A 340 1.11 -8.31 27.71
C PHE A 340 0.88 -9.17 26.46
N ASP A 341 0.19 -8.63 25.46
CA ASP A 341 0.01 -9.39 24.22
C ASP A 341 1.27 -9.44 23.36
N VAL A 342 2.16 -8.47 23.47
CA VAL A 342 3.44 -8.59 22.78
C VAL A 342 4.27 -9.73 23.36
N GLY A 343 4.23 -9.86 24.70
CA GLY A 343 4.80 -11.05 25.33
C GLY A 343 4.10 -12.31 24.89
N GLY A 344 2.79 -12.22 24.62
CA GLY A 344 2.09 -13.36 24.03
C GLY A 344 2.60 -13.74 22.65
N ILE A 345 2.92 -12.74 21.83
CA ILE A 345 3.50 -13.00 20.50
C ILE A 345 4.83 -13.72 20.63
N ILE A 346 5.68 -13.27 21.56
CA ILE A 346 6.96 -13.92 21.79
C ILE A 346 6.78 -15.34 22.31
N GLY A 347 5.82 -15.53 23.22
CA GLY A 347 5.59 -16.84 23.79
C GLY A 347 5.06 -17.84 22.77
N GLY A 348 4.25 -17.37 21.83
CA GLY A 348 3.70 -18.24 20.79
C GLY A 348 4.72 -18.80 19.81
N ILE A 349 5.96 -18.31 19.84
CA ILE A 349 7.04 -18.84 19.04
C ILE A 349 8.05 -19.58 19.90
N VAL A 350 8.31 -19.09 21.11
CA VAL A 350 9.24 -19.75 22.01
C VAL A 350 8.70 -21.10 22.45
N ALA A 351 7.40 -21.19 22.68
CA ALA A 351 6.81 -22.50 22.98
C ALA A 351 6.66 -23.36 21.73
N GLY A 352 6.84 -22.82 20.53
CA GLY A 352 6.68 -23.60 19.33
C GLY A 352 7.96 -24.31 18.92
N LEU A 353 9.07 -23.58 18.99
CA LEU A 353 10.37 -24.18 18.65
C LEU A 353 10.73 -25.34 19.57
N VAL A 354 10.53 -25.15 20.87
CA VAL A 354 10.91 -26.15 21.85
C VAL A 354 10.00 -27.37 21.73
N SER A 355 8.72 -27.14 21.44
CA SER A 355 7.81 -28.27 21.27
C SER A 355 8.04 -28.99 19.95
N ASP A 356 8.63 -28.34 18.95
CA ASP A 356 9.05 -29.08 17.77
C ASP A 356 10.26 -29.94 18.06
N TYR A 357 11.35 -29.34 18.56
CA TYR A 357 12.58 -30.10 18.65
C TYR A 357 12.69 -30.98 19.89
N THR A 358 11.60 -31.23 20.60
CA THR A 358 11.59 -32.24 21.66
C THR A 358 10.50 -33.29 21.47
N ASN A 359 9.75 -33.23 20.35
CA ASN A 359 8.77 -34.23 19.94
C ASN A 359 7.68 -34.43 21.00
N GLY A 360 7.23 -33.34 21.58
CA GLY A 360 6.20 -33.40 22.61
C GLY A 360 5.69 -32.02 22.91
N ARG A 361 4.38 -31.85 22.91
CA ARG A 361 3.81 -30.52 23.01
C ARG A 361 3.03 -30.29 24.29
N ALA A 362 2.46 -31.35 24.88
CA ALA A 362 1.80 -31.18 26.16
C ALA A 362 2.82 -30.92 27.27
N THR A 363 3.99 -31.55 27.18
CA THR A 363 5.01 -31.36 28.21
C THR A 363 5.67 -30.00 28.12
N THR A 364 5.52 -29.27 27.01
CA THR A 364 5.97 -27.89 26.98
C THR A 364 4.96 -26.98 27.69
N CYS A 365 3.67 -27.23 27.43
CA CYS A 365 2.62 -26.41 28.03
C CYS A 365 2.56 -26.61 29.54
N CYS A 366 2.80 -27.83 30.02
CA CYS A 366 2.75 -28.08 31.45
C CYS A 366 3.89 -27.38 32.18
N VAL A 367 5.09 -27.39 31.60
CA VAL A 367 6.22 -26.72 32.22
C VAL A 367 6.03 -25.20 32.17
N MET A 368 5.54 -24.67 31.06
CA MET A 368 5.33 -23.24 30.99
C MET A 368 4.09 -22.77 31.74
N LEU A 369 3.25 -23.68 32.21
CA LEU A 369 2.23 -23.26 33.16
C LEU A 369 2.68 -23.38 34.60
N ILE A 370 3.49 -24.40 34.93
CA ILE A 370 3.97 -24.53 36.31
C ILE A 370 4.96 -23.42 36.63
N LEU A 371 5.82 -23.06 35.69
CA LEU A 371 6.78 -22.01 35.94
C LEU A 371 6.20 -20.61 35.76
N ALA A 372 4.88 -20.46 35.65
CA ALA A 372 4.24 -19.16 35.51
C ALA A 372 3.77 -18.59 36.84
N ALA A 373 3.24 -19.44 37.72
CA ALA A 373 2.69 -18.94 38.98
C ALA A 373 3.73 -18.36 39.95
N PRO A 374 4.97 -18.88 40.08
CA PRO A 374 5.96 -18.12 40.86
C PRO A 374 6.31 -16.77 40.25
N MET A 375 6.23 -16.63 38.93
CA MET A 375 6.53 -15.34 38.32
C MET A 375 5.43 -14.32 38.60
N MET A 376 4.16 -14.75 38.56
CA MET A 376 3.08 -13.84 38.92
C MET A 376 3.05 -13.54 40.42
N PHE A 377 3.41 -14.51 41.27
CA PHE A 377 3.52 -14.23 42.70
C PHE A 377 4.65 -13.25 42.99
N LEU A 378 5.75 -13.35 42.23
CA LEU A 378 6.84 -12.41 42.39
C LEU A 378 6.47 -11.03 41.86
N TYR A 379 5.64 -10.97 40.81
CA TYR A 379 5.14 -9.68 40.34
C TYR A 379 4.20 -9.05 41.37
N ASN A 380 3.42 -9.86 42.07
CA ASN A 380 2.58 -9.34 43.13
C ASN A 380 3.44 -8.84 44.29
N TYR A 381 4.51 -9.57 44.62
CA TYR A 381 5.37 -9.13 45.71
C TYR A 381 6.26 -7.96 45.31
N ILE A 382 6.70 -7.92 44.06
CA ILE A 382 7.56 -6.84 43.58
C ILE A 382 6.82 -6.19 42.42
N GLY A 383 6.10 -5.11 42.70
CA GLY A 383 5.49 -4.30 41.67
C GLY A 383 5.54 -2.84 42.06
N GLN A 384 6.18 -2.57 43.19
CA GLN A 384 6.20 -1.24 43.80
C GLN A 384 7.00 -0.23 42.99
N ASP A 385 7.89 -0.69 42.12
CA ASP A 385 8.60 0.21 41.22
C ASP A 385 7.64 0.84 40.22
N GLY A 386 7.94 2.07 39.83
CA GLY A 386 7.09 2.80 38.91
C GLY A 386 7.10 2.26 37.49
N ILE A 387 8.22 2.40 36.78
CA ILE A 387 8.25 2.08 35.36
C ILE A 387 9.32 1.04 35.03
N ALA A 388 10.36 0.97 35.85
CA ALA A 388 11.58 0.29 35.43
C ALA A 388 11.44 -1.23 35.50
N SER A 389 11.28 -1.76 36.71
CA SER A 389 11.24 -3.20 36.89
C SER A 389 9.89 -3.81 36.55
N SER A 390 8.89 -2.98 36.25
CA SER A 390 7.55 -3.48 35.95
C SER A 390 7.47 -4.12 34.58
N ILE A 391 8.13 -3.53 33.59
CA ILE A 391 8.00 -3.97 32.21
C ILE A 391 8.63 -5.35 32.02
N VAL A 392 9.80 -5.57 32.61
CA VAL A 392 10.50 -6.84 32.43
C VAL A 392 9.80 -7.95 33.20
N MET A 393 9.11 -7.63 34.28
CA MET A 393 8.31 -8.62 34.98
C MET A 393 6.94 -8.80 34.37
N LEU A 394 6.53 -7.91 33.48
CA LEU A 394 5.25 -8.06 32.79
C LEU A 394 5.36 -8.77 31.45
N ILE A 395 6.49 -8.61 30.74
CA ILE A 395 6.69 -9.32 29.48
C ILE A 395 6.78 -10.82 29.73
N ILE A 396 7.45 -11.23 30.82
CA ILE A 396 7.57 -12.63 31.15
C ILE A 396 6.22 -13.24 31.51
N CYS A 397 5.40 -12.49 32.26
CA CYS A 397 4.05 -12.95 32.54
C CYS A 397 3.16 -12.89 31.30
N GLY A 398 3.56 -12.14 30.28
CA GLY A 398 2.86 -12.21 29.01
C GLY A 398 3.28 -13.36 28.13
N GLY A 399 4.49 -13.89 28.34
CA GLY A 399 5.00 -14.97 27.54
C GLY A 399 4.88 -16.33 28.17
N LEU A 400 4.09 -16.48 29.23
CA LEU A 400 3.92 -17.77 29.86
C LEU A 400 2.46 -18.14 30.08
N VAL A 401 1.51 -17.26 29.74
CA VAL A 401 0.10 -17.62 29.75
C VAL A 401 -0.58 -17.30 28.43
N ASN A 402 0.15 -16.84 27.42
CA ASN A 402 -0.36 -16.80 26.06
C ASN A 402 0.54 -17.53 25.07
N GLY A 403 1.60 -18.16 25.53
CA GLY A 403 2.28 -19.16 24.76
C GLY A 403 1.47 -20.44 24.74
N PRO A 404 1.25 -21.05 25.91
CA PRO A 404 0.40 -22.24 25.98
C PRO A 404 -1.09 -22.00 25.75
N TYR A 405 -1.53 -20.79 25.46
CA TYR A 405 -2.86 -20.64 24.88
C TYR A 405 -2.81 -20.73 23.37
N ALA A 406 -1.71 -20.26 22.77
CA ALA A 406 -1.55 -20.39 21.34
C ALA A 406 -1.31 -21.83 20.95
N LEU A 407 -0.33 -22.47 21.58
CA LEU A 407 0.18 -23.77 21.16
C LEU A 407 -0.87 -24.88 21.26
N ILE A 408 -1.93 -24.68 22.02
CA ILE A 408 -2.97 -25.69 22.07
C ILE A 408 -4.09 -25.40 21.09
N THR A 409 -4.18 -24.19 20.55
CA THR A 409 -5.23 -23.92 19.56
C THR A 409 -4.71 -23.68 18.15
N THR A 410 -3.40 -23.69 17.92
CA THR A 410 -2.87 -23.56 16.57
C THR A 410 -1.91 -24.65 16.15
N ALA A 411 -1.45 -25.50 17.07
CA ALA A 411 -0.53 -26.56 16.71
C ALA A 411 -1.13 -27.94 16.96
N VAL A 412 -1.58 -28.23 18.18
CA VAL A 412 -2.16 -29.55 18.41
C VAL A 412 -3.57 -29.64 17.86
N SER A 413 -4.22 -28.50 17.61
CA SER A 413 -5.54 -28.54 16.99
C SER A 413 -5.46 -28.88 15.51
N ALA A 414 -4.33 -28.60 14.86
CA ALA A 414 -4.08 -29.07 13.51
C ALA A 414 -3.29 -30.37 13.52
N ASP A 415 -3.08 -30.97 14.68
CA ASP A 415 -2.39 -32.23 14.81
C ASP A 415 -3.30 -33.37 15.23
N LEU A 416 -4.17 -33.15 16.20
CA LEU A 416 -5.11 -34.18 16.59
C LEU A 416 -6.15 -34.43 15.50
N GLY A 417 -6.40 -33.43 14.66
CA GLY A 417 -7.32 -33.64 13.56
C GLY A 417 -6.76 -34.51 12.47
N THR A 418 -5.45 -34.57 12.36
CA THR A 418 -4.76 -35.41 11.38
C THR A 418 -4.11 -36.61 12.06
N HIS A 419 -4.79 -37.15 13.07
CA HIS A 419 -4.24 -38.22 13.85
C HIS A 419 -4.31 -39.53 13.07
N LYS A 420 -3.46 -40.48 13.46
CA LYS A 420 -3.35 -41.76 12.75
C LYS A 420 -4.62 -42.59 12.90
N SER A 421 -5.35 -42.41 14.01
CA SER A 421 -6.54 -43.22 14.30
C SER A 421 -7.72 -42.91 13.39
N LEU A 422 -7.64 -41.86 12.57
CA LEU A 422 -8.65 -41.68 11.54
C LEU A 422 -8.53 -42.69 10.42
N LYS A 423 -7.35 -43.30 10.25
CA LYS A 423 -7.04 -44.32 9.25
C LYS A 423 -7.24 -43.84 7.81
N GLY A 424 -7.25 -42.52 7.57
CA GLY A 424 -7.35 -41.98 6.24
C GLY A 424 -8.74 -41.98 5.63
N ASN A 425 -9.67 -42.80 6.12
CA ASN A 425 -10.99 -42.92 5.52
C ASN A 425 -12.02 -42.08 6.25
N ALA A 426 -11.63 -40.90 6.71
CA ALA A 426 -12.54 -39.94 7.32
C ALA A 426 -11.98 -38.55 7.10
N LYS A 427 -12.63 -37.56 7.70
CA LYS A 427 -12.24 -36.16 7.54
C LYS A 427 -12.68 -35.41 8.79
N ALA A 428 -11.72 -34.93 9.56
CA ALA A 428 -12.04 -34.20 10.79
C ALA A 428 -10.94 -33.18 11.06
N LEU A 429 -11.15 -31.96 10.59
CA LEU A 429 -10.22 -30.91 10.95
C LEU A 429 -11.02 -29.70 11.40
N SER A 430 -12.27 -29.60 10.94
CA SER A 430 -13.17 -28.57 11.43
C SER A 430 -14.18 -29.12 12.42
N THR A 431 -13.78 -30.09 13.23
CA THR A 431 -14.58 -30.49 14.37
C THR A 431 -13.69 -30.48 15.60
N VAL A 432 -12.42 -30.85 15.42
CA VAL A 432 -11.46 -30.78 16.51
C VAL A 432 -11.16 -29.32 16.84
N THR A 433 -10.98 -28.49 15.81
CA THR A 433 -10.81 -27.05 16.03
C THR A 433 -12.04 -26.43 16.66
N ALA A 434 -13.22 -26.88 16.23
CA ALA A 434 -14.48 -26.40 16.79
C ALA A 434 -14.58 -26.74 18.27
N ILE A 435 -14.23 -27.97 18.65
CA ILE A 435 -14.33 -28.40 20.04
C ILE A 435 -13.35 -27.63 20.90
N ILE A 436 -12.11 -27.48 20.45
CA ILE A 436 -11.11 -26.81 21.26
C ILE A 436 -11.43 -25.33 21.42
N ASP A 437 -11.89 -24.67 20.35
CA ASP A 437 -12.17 -23.24 20.50
C ASP A 437 -13.47 -22.96 21.23
N GLY A 438 -14.48 -23.83 21.11
CA GLY A 438 -15.69 -23.61 21.89
C GLY A 438 -15.48 -23.84 23.37
N THR A 439 -14.72 -24.88 23.72
CA THR A 439 -14.37 -25.08 25.12
C THR A 439 -13.41 -23.99 25.60
N GLY A 440 -12.71 -23.32 24.69
CA GLY A 440 -11.99 -22.14 25.10
C GLY A 440 -12.90 -20.96 25.41
N SER A 441 -13.87 -20.70 24.55
CA SER A 441 -14.65 -19.48 24.70
C SER A 441 -15.74 -19.60 25.75
N ILE A 442 -16.13 -20.81 26.16
CA ILE A 442 -17.01 -20.94 27.32
C ILE A 442 -16.34 -20.36 28.58
N GLY A 443 -15.04 -20.58 28.74
CA GLY A 443 -14.32 -19.95 29.83
C GLY A 443 -14.24 -18.44 29.72
N ALA A 444 -14.14 -17.92 28.51
CA ALA A 444 -14.17 -16.48 28.33
C ALA A 444 -15.55 -15.92 28.63
N ALA A 445 -16.59 -16.71 28.44
CA ALA A 445 -17.92 -16.27 28.86
C ALA A 445 -18.05 -16.31 30.37
N LEU A 446 -17.46 -17.31 31.01
CA LEU A 446 -17.53 -17.44 32.47
C LEU A 446 -16.52 -16.57 33.19
N GLY A 447 -15.69 -15.84 32.47
CA GLY A 447 -14.85 -14.82 33.07
C GLY A 447 -15.61 -13.69 33.77
N PRO A 448 -16.36 -12.88 33.00
CA PRO A 448 -17.13 -11.80 33.62
C PRO A 448 -18.28 -12.29 34.48
N LEU A 449 -18.75 -13.52 34.29
CA LEU A 449 -19.79 -14.08 35.16
C LEU A 449 -19.26 -14.51 36.51
N LEU A 450 -17.94 -14.45 36.73
CA LEU A 450 -17.37 -14.70 38.03
C LEU A 450 -16.59 -13.53 38.60
N ALA A 451 -16.00 -12.70 37.74
CA ALA A 451 -15.20 -11.57 38.20
C ALA A 451 -16.05 -10.54 38.92
N GLY A 452 -17.29 -10.35 38.48
CA GLY A 452 -18.21 -9.50 39.18
C GLY A 452 -18.94 -10.16 40.31
N LEU A 453 -18.60 -11.40 40.64
CA LEU A 453 -19.22 -12.09 41.76
C LEU A 453 -18.35 -12.07 43.01
N ILE A 454 -17.02 -12.01 42.86
CA ILE A 454 -16.13 -11.95 44.02
C ILE A 454 -15.49 -10.59 44.17
N SER A 455 -15.80 -9.65 43.30
CA SER A 455 -15.34 -8.27 43.44
C SER A 455 -15.85 -7.53 44.67
N PRO A 456 -17.15 -7.58 45.07
CA PRO A 456 -17.54 -6.84 46.28
C PRO A 456 -17.01 -7.43 47.56
N THR A 457 -16.66 -8.72 47.57
CA THR A 457 -16.12 -9.37 48.76
C THR A 457 -14.60 -9.27 48.81
N GLY A 458 -14.03 -8.24 48.21
CA GLY A 458 -12.59 -8.06 48.20
C GLY A 458 -12.07 -7.88 46.79
N TRP A 459 -11.01 -7.08 46.66
CA TRP A 459 -10.34 -6.89 45.38
C TRP A 459 -9.15 -7.80 45.22
N ASN A 460 -8.94 -8.74 46.15
CA ASN A 460 -7.79 -9.61 46.11
C ASN A 460 -8.19 -11.07 46.01
N ASN A 461 -9.49 -11.39 46.12
CA ASN A 461 -9.98 -12.74 45.87
C ASN A 461 -9.79 -13.13 44.41
N VAL A 462 -9.79 -12.15 43.52
CA VAL A 462 -9.52 -12.35 42.09
C VAL A 462 -8.17 -13.01 41.88
N PHE A 463 -7.16 -12.58 42.65
CA PHE A 463 -5.82 -13.13 42.50
C PHE A 463 -5.74 -14.57 42.99
N TYR A 464 -6.47 -14.90 44.06
CA TYR A 464 -6.47 -16.28 44.52
C TYR A 464 -7.25 -17.18 43.57
N MET A 465 -8.30 -16.66 42.93
CA MET A 465 -8.99 -17.43 41.90
C MET A 465 -8.09 -17.68 40.71
N LEU A 466 -7.24 -16.69 40.38
CA LEU A 466 -6.25 -16.86 39.33
C LEU A 466 -5.26 -17.97 39.67
N ILE A 467 -4.75 -17.96 40.91
CA ILE A 467 -3.77 -18.97 41.32
C ILE A 467 -4.38 -20.36 41.33
N SER A 468 -5.62 -20.48 41.81
CA SER A 468 -6.31 -21.77 41.82
C SER A 468 -6.55 -22.29 40.41
N ALA A 469 -6.95 -21.39 39.49
CA ALA A 469 -7.19 -21.82 38.12
C ALA A 469 -5.90 -22.18 37.40
N ASP A 470 -4.78 -21.52 37.72
CA ASP A 470 -3.53 -21.87 37.04
C ASP A 470 -2.93 -23.15 37.61
N VAL A 471 -3.15 -23.44 38.90
CA VAL A 471 -2.74 -24.74 39.42
C VAL A 471 -3.61 -25.84 38.83
N LEU A 472 -4.91 -25.58 38.69
CA LEU A 472 -5.80 -26.57 38.11
C LEU A 472 -5.58 -26.74 36.61
N ALA A 473 -4.98 -25.75 35.94
CA ALA A 473 -4.77 -25.84 34.50
C ALA A 473 -3.74 -26.90 34.16
N CYS A 474 -2.67 -26.99 34.94
CA CYS A 474 -1.65 -28.03 34.74
C CYS A 474 -1.96 -29.27 35.55
N LEU A 475 -3.20 -29.72 35.46
CA LEU A 475 -3.62 -30.93 36.13
C LEU A 475 -4.37 -31.81 35.14
N LEU A 476 -5.05 -31.17 34.19
CA LEU A 476 -5.74 -31.92 33.16
C LEU A 476 -4.77 -32.54 32.15
N LEU A 477 -3.57 -32.00 32.03
CA LEU A 477 -2.58 -32.53 31.12
C LEU A 477 -1.78 -33.68 31.71
N CYS A 478 -2.09 -34.09 32.94
CA CYS A 478 -1.21 -34.99 33.70
C CYS A 478 -1.13 -36.37 33.07
N ARG A 479 -2.24 -36.83 32.48
CA ARG A 479 -2.24 -38.09 31.75
C ARG A 479 -1.34 -38.03 30.52
N LEU A 480 -1.36 -36.91 29.82
CA LEU A 480 -0.53 -36.79 28.62
C LEU A 480 0.93 -36.58 28.96
N VAL A 481 1.21 -35.90 30.08
CA VAL A 481 2.59 -35.78 30.56
C VAL A 481 3.14 -37.14 30.95
N TYR A 482 2.32 -37.92 31.69
CA TYR A 482 2.69 -39.28 32.08
C TYR A 482 2.87 -40.18 30.86
N LYS A 483 2.13 -39.91 29.78
CA LYS A 483 2.30 -40.68 28.56
C LYS A 483 3.60 -40.32 27.85
N GLU A 484 3.86 -39.01 27.71
CA GLU A 484 5.01 -38.58 26.92
C GLU A 484 6.34 -38.79 27.64
N ILE A 485 6.34 -38.89 28.97
CA ILE A 485 7.56 -39.28 29.67
C ILE A 485 7.98 -40.68 29.27
N LEU A 486 7.03 -41.62 29.25
CA LEU A 486 7.32 -42.96 28.76
C LEU A 486 7.66 -42.96 27.28
N ALA A 487 7.03 -42.06 26.51
CA ALA A 487 7.33 -41.97 25.08
C ALA A 487 8.76 -41.49 24.83
N TRP A 488 9.28 -40.63 25.70
CA TRP A 488 10.70 -40.29 25.61
C TRP A 488 11.56 -41.46 26.05
N LYS A 489 11.22 -42.10 27.17
CA LYS A 489 12.11 -43.10 27.75
C LYS A 489 12.17 -44.39 26.94
N VAL A 490 11.17 -44.65 26.09
CA VAL A 490 11.28 -45.76 25.13
C VAL A 490 12.43 -45.51 24.17
N SER A 491 12.46 -44.34 23.54
CA SER A 491 13.53 -44.03 22.59
C SER A 491 14.86 -43.79 23.28
N LEU A 492 14.83 -43.41 24.56
CA LEU A 492 16.08 -43.23 25.28
C LEU A 492 16.71 -44.56 25.68
N SER A 493 15.93 -45.45 26.30
CA SER A 493 16.48 -46.68 26.85
C SER A 493 16.86 -47.70 25.79
N ARG A 494 16.38 -47.54 24.56
CA ARG A 494 16.84 -48.42 23.48
C ARG A 494 18.26 -48.10 23.05
N GLY A 495 18.73 -46.88 23.27
CA GLY A 495 20.02 -46.47 22.75
C GLY A 495 19.96 -46.32 21.24
N SER A 496 19.22 -45.29 20.80
CA SER A 496 18.93 -45.00 19.38
C SER A 496 18.23 -46.18 18.71
N GLY A 497 17.03 -46.49 19.22
CA GLY A 497 16.20 -47.51 18.60
C GLY A 497 15.55 -46.98 17.33
N TYR A 498 15.61 -47.78 16.28
CA TYR A 498 15.15 -47.36 14.95
C TYR A 498 14.44 -48.54 14.30
N LYS A 499 14.24 -48.46 12.99
CA LYS A 499 13.51 -49.46 12.22
C LYS A 499 14.18 -50.84 12.22
N MET B 1 -13.50 -29.37 -2.11
CA MET B 1 -14.43 -30.49 -2.17
C MET B 1 -15.43 -30.24 -3.29
N ARG B 2 -16.58 -29.67 -2.96
CA ARG B 2 -17.60 -29.39 -3.96
C ARG B 2 -17.47 -27.98 -4.51
N SER B 3 -16.27 -27.63 -4.96
CA SER B 3 -16.07 -26.36 -5.62
C SER B 3 -15.10 -26.54 -6.77
N SER B 4 -15.32 -25.79 -7.84
CA SER B 4 -14.36 -25.68 -8.91
C SER B 4 -13.39 -24.57 -8.57
N LEU B 5 -12.59 -24.13 -9.53
CA LEU B 5 -11.58 -23.14 -9.26
C LEU B 5 -12.22 -21.77 -9.10
N ALA B 6 -11.70 -20.98 -8.16
CA ALA B 6 -12.21 -19.65 -7.91
C ALA B 6 -11.95 -18.75 -9.12
N PRO B 7 -12.85 -17.82 -9.42
CA PRO B 7 -12.74 -17.05 -10.66
C PRO B 7 -11.53 -16.14 -10.75
N GLY B 8 -10.93 -15.74 -9.64
CA GLY B 8 -9.70 -14.97 -9.73
C GLY B 8 -8.54 -15.78 -10.27
N VAL B 9 -8.40 -17.02 -9.80
CA VAL B 9 -7.30 -17.85 -10.27
C VAL B 9 -7.58 -18.35 -11.68
N TRP B 10 -8.84 -18.61 -12.01
CA TRP B 10 -9.18 -18.97 -13.37
C TRP B 10 -9.05 -17.79 -14.33
N PHE B 11 -9.11 -16.56 -13.83
CA PHE B 11 -8.81 -15.41 -14.68
C PHE B 11 -7.31 -15.22 -14.85
N PHE B 12 -6.54 -15.29 -13.77
CA PHE B 12 -5.10 -15.12 -13.87
C PHE B 12 -4.39 -16.30 -14.50
N ARG B 13 -5.06 -17.43 -14.70
CA ARG B 13 -4.40 -18.55 -15.34
C ARG B 13 -4.23 -18.32 -16.84
N ALA B 14 -5.16 -17.59 -17.46
CA ALA B 14 -5.19 -17.49 -18.92
C ALA B 14 -4.03 -16.66 -19.46
N PHE B 15 -3.53 -15.70 -18.70
CA PHE B 15 -2.37 -14.92 -19.14
C PHE B 15 -1.12 -15.78 -19.06
N SER B 16 -0.53 -16.07 -20.21
CA SER B 16 0.62 -16.96 -20.26
C SER B 16 1.87 -16.26 -19.73
N ARG B 17 2.97 -17.01 -19.70
CA ARG B 17 4.23 -16.47 -19.17
C ARG B 17 4.78 -15.36 -20.05
N ASP B 18 4.40 -15.36 -21.34
CA ASP B 18 4.74 -14.26 -22.24
C ASP B 18 4.23 -12.93 -21.71
N SER B 19 2.97 -12.90 -21.30
CA SER B 19 2.37 -11.65 -20.84
C SER B 19 2.46 -11.45 -19.35
N TRP B 20 3.45 -12.00 -18.68
CA TRP B 20 3.69 -11.62 -17.29
C TRP B 20 4.90 -10.74 -17.09
N PHE B 21 6.05 -11.09 -17.67
CA PHE B 21 7.18 -10.18 -17.57
C PHE B 21 6.95 -8.91 -18.37
N ARG B 22 6.14 -8.99 -19.42
CA ARG B 22 5.77 -7.80 -20.18
C ARG B 22 4.78 -6.93 -19.41
N GLY B 23 4.19 -7.45 -18.34
CA GLY B 23 3.37 -6.64 -17.47
C GLY B 23 4.17 -6.20 -16.27
N LEU B 24 5.26 -6.92 -16.01
CA LEU B 24 6.20 -6.47 -14.98
C LEU B 24 6.95 -5.23 -15.43
N ILE B 25 7.37 -5.20 -16.68
CA ILE B 25 8.33 -4.16 -17.06
C ILE B 25 7.62 -2.82 -17.22
N LEU B 26 6.31 -2.83 -17.51
CA LEU B 26 5.56 -1.58 -17.51
C LEU B 26 5.40 -1.04 -16.10
N LEU B 27 5.04 -1.90 -15.16
CA LEU B 27 4.85 -1.47 -13.78
C LEU B 27 6.16 -1.06 -13.14
N LEU B 28 7.28 -1.57 -13.63
CA LEU B 28 8.54 -1.14 -13.05
C LEU B 28 9.01 0.18 -13.66
N THR B 29 9.09 0.25 -14.99
CA THR B 29 9.51 1.51 -15.61
C THR B 29 8.41 2.54 -15.69
N PHE B 30 7.29 2.32 -15.02
CA PHE B 30 6.39 3.42 -14.73
C PHE B 30 6.79 4.15 -13.47
N LEU B 31 7.12 3.42 -12.40
CA LEU B 31 7.60 4.05 -11.18
C LEU B 31 8.98 4.65 -11.34
N ILE B 32 9.84 4.01 -12.14
CA ILE B 32 11.21 4.51 -12.34
C ILE B 32 11.19 5.90 -12.96
N TYR B 33 10.31 6.14 -13.92
CA TYR B 33 10.26 7.47 -14.50
C TYR B 33 9.19 8.33 -13.84
N ALA B 34 8.37 7.80 -12.95
CA ALA B 34 7.56 8.70 -12.15
C ALA B 34 8.39 9.37 -11.06
N CYS B 35 9.40 8.67 -10.54
CA CYS B 35 10.20 9.27 -9.47
C CYS B 35 11.04 10.43 -9.97
N TYR B 36 11.40 10.45 -11.25
CA TYR B 36 12.10 11.61 -11.77
C TYR B 36 11.21 12.85 -11.82
N HIS B 37 9.97 12.72 -12.28
CA HIS B 37 9.07 13.86 -12.22
C HIS B 37 8.67 14.22 -10.79
N MET B 38 8.73 13.26 -9.86
CA MET B 38 8.54 13.62 -8.46
C MET B 38 9.69 14.46 -7.94
N SER B 39 10.91 14.12 -8.32
CA SER B 39 12.06 14.84 -7.81
C SER B 39 12.43 16.06 -8.64
N ARG B 40 11.71 16.34 -9.72
CA ARG B 40 11.98 17.58 -10.46
C ARG B 40 11.11 18.75 -10.04
N LYS B 41 9.99 18.51 -9.36
CA LYS B 41 9.09 19.61 -9.02
C LYS B 41 9.57 20.64 -7.99
N PRO B 42 10.05 20.29 -6.79
CA PRO B 42 9.99 21.26 -5.67
C PRO B 42 10.82 22.52 -5.80
N ILE B 43 11.53 22.78 -6.90
CA ILE B 43 11.99 24.14 -7.15
C ILE B 43 10.85 25.01 -7.65
N SER B 44 9.73 24.42 -8.04
CA SER B 44 8.59 25.23 -8.49
C SER B 44 7.79 25.78 -7.32
N ILE B 45 7.66 25.03 -6.24
CA ILE B 45 6.84 25.50 -5.12
C ILE B 45 7.60 26.49 -4.25
N VAL B 46 8.89 26.22 -3.99
CA VAL B 46 9.69 27.10 -3.16
C VAL B 46 10.11 28.38 -3.89
N LYS B 47 9.73 28.50 -5.17
CA LYS B 47 9.87 29.76 -5.89
C LYS B 47 9.05 30.88 -5.25
N SER B 48 7.92 30.55 -4.63
CA SER B 48 7.07 31.57 -4.04
C SER B 48 7.56 32.05 -2.68
N ARG B 49 8.13 31.16 -1.87
CA ARG B 49 8.40 31.52 -0.49
C ARG B 49 9.66 32.36 -0.32
N LEU B 50 10.69 32.11 -1.14
CA LEU B 50 12.02 32.71 -0.91
C LEU B 50 12.06 34.22 -1.08
N HIS B 51 10.99 34.84 -1.59
CA HIS B 51 10.84 36.29 -1.52
C HIS B 51 9.44 36.61 -1.00
N GLN B 52 9.38 37.46 0.02
CA GLN B 52 8.11 37.84 0.61
C GLN B 52 8.05 39.34 0.82
N ASN B 53 6.90 39.93 0.51
CA ASN B 53 6.61 41.31 0.91
C ASN B 53 6.13 41.29 2.36
N CYS B 54 7.09 41.42 3.28
CA CYS B 54 6.81 41.30 4.70
C CYS B 54 6.54 42.63 5.38
N SER B 55 5.97 43.58 4.65
CA SER B 55 5.24 44.67 5.30
C SER B 55 3.82 44.24 5.70
N GLU B 56 3.38 43.08 5.23
CA GLU B 56 2.08 42.49 5.55
C GLU B 56 2.27 41.18 6.30
N GLN B 57 3.15 41.16 7.28
CA GLN B 57 3.58 39.94 7.93
C GLN B 57 3.48 40.08 9.45
N ILE B 58 3.15 38.97 10.10
CA ILE B 58 3.12 38.91 11.57
C ILE B 58 4.54 39.02 12.13
N LYS B 59 4.63 39.34 13.43
CA LYS B 59 5.82 39.48 14.26
C LYS B 59 6.77 40.54 13.70
N PRO B 60 6.44 41.85 13.81
CA PRO B 60 7.42 42.86 13.41
C PRO B 60 8.36 43.25 14.54
N ILE B 61 8.86 42.29 15.30
CA ILE B 61 9.80 42.57 16.37
C ILE B 61 11.22 42.19 15.94
N ASN B 62 11.43 42.05 14.64
CA ASN B 62 12.74 41.73 14.06
C ASN B 62 13.44 42.98 13.54
N ASP B 63 13.29 44.10 14.26
CA ASP B 63 14.03 45.34 14.05
C ASP B 63 13.77 45.93 12.65
N THR B 64 12.54 46.40 12.46
CA THR B 64 12.17 47.15 11.27
C THR B 64 13.07 48.37 11.08
N HIS B 65 13.28 49.14 12.15
CA HIS B 65 14.29 50.21 12.26
C HIS B 65 14.09 51.29 11.19
N SER B 66 12.98 52.00 11.31
CA SER B 66 12.57 53.13 10.46
C SER B 66 12.45 52.70 8.99
N LEU B 67 11.62 51.68 8.78
CA LEU B 67 11.20 51.18 7.46
C LEU B 67 12.38 50.74 6.60
N ASN B 68 13.06 49.69 7.07
CA ASN B 68 14.13 49.11 6.28
C ASN B 68 13.56 47.99 5.39
N ASP B 69 14.44 47.18 4.85
CA ASP B 69 14.11 46.26 3.76
C ASP B 69 13.41 45.01 4.28
N THR B 70 13.32 44.00 3.41
CA THR B 70 12.74 42.70 3.71
C THR B 70 13.80 41.70 4.13
N MET B 71 14.84 42.17 4.82
CA MET B 71 15.96 41.32 5.21
C MET B 71 15.55 40.32 6.28
N TRP B 72 14.68 40.72 7.20
CA TRP B 72 14.38 39.89 8.35
C TRP B 72 13.44 38.74 8.03
N CYS B 73 12.78 38.78 6.88
CA CYS B 73 11.74 37.82 6.54
C CYS B 73 12.14 36.89 5.40
N SER B 74 12.50 37.46 4.26
CA SER B 74 12.85 36.64 3.10
C SER B 74 14.24 36.06 3.26
N TRP B 75 14.60 35.18 2.35
CA TRP B 75 15.90 34.54 2.36
C TRP B 75 16.94 35.50 1.79
N ALA B 76 18.17 35.38 2.27
CA ALA B 76 19.10 36.51 2.14
C ALA B 76 19.72 36.71 0.76
N PRO B 77 20.08 35.69 -0.03
CA PRO B 77 20.39 35.96 -1.44
C PRO B 77 19.19 36.11 -2.34
N PHE B 78 17.96 36.11 -1.81
CA PHE B 78 16.77 36.37 -2.61
C PHE B 78 15.88 37.38 -1.92
N ASP B 79 16.47 38.49 -1.44
CA ASP B 79 15.75 39.46 -0.64
C ASP B 79 15.47 40.78 -1.34
N LYS B 80 16.37 41.24 -2.21
CA LYS B 80 16.29 42.58 -2.77
C LYS B 80 15.34 42.59 -3.97
N ASP B 81 15.40 43.68 -4.75
CA ASP B 81 14.50 43.84 -5.88
C ASP B 81 14.81 42.91 -7.05
N ASN B 82 15.98 42.27 -7.06
CA ASN B 82 16.38 41.38 -8.13
C ASN B 82 15.97 39.93 -7.88
N TYR B 83 14.97 39.71 -7.01
CA TYR B 83 14.52 38.35 -6.72
C TYR B 83 13.90 37.69 -7.93
N LYS B 84 13.23 38.48 -8.77
CA LYS B 84 12.72 37.94 -10.03
C LYS B 84 13.85 37.76 -11.02
N GLU B 85 14.94 38.52 -10.87
CA GLU B 85 16.05 38.46 -11.80
C GLU B 85 17.17 37.55 -11.30
N LEU B 86 16.95 36.81 -10.22
CA LEU B 86 17.89 35.79 -9.81
C LEU B 86 17.28 34.40 -9.73
N LEU B 87 15.98 34.27 -9.44
CA LEU B 87 15.31 32.99 -9.56
C LEU B 87 15.41 32.46 -10.99
N GLY B 88 15.21 33.33 -11.97
CA GLY B 88 15.50 32.97 -13.35
C GLY B 88 16.96 32.65 -13.60
N GLY B 89 17.86 33.22 -12.79
CA GLY B 89 19.24 32.79 -12.86
C GLY B 89 19.47 31.40 -12.30
N VAL B 90 18.59 30.96 -11.40
CA VAL B 90 18.74 29.62 -10.83
C VAL B 90 18.19 28.58 -11.79
N ASP B 91 16.95 28.73 -12.23
CA ASP B 91 16.29 27.67 -12.96
C ASP B 91 16.85 27.53 -14.37
N ASN B 92 17.35 28.61 -14.96
CA ASN B 92 18.04 28.50 -16.24
C ASN B 92 19.38 27.79 -16.10
N ALA B 93 19.91 27.69 -14.89
CA ALA B 93 21.08 26.86 -14.65
C ALA B 93 20.73 25.39 -14.51
N PHE B 94 19.46 25.02 -14.66
CA PHE B 94 19.09 23.62 -14.83
C PHE B 94 18.72 23.28 -16.26
N LEU B 95 17.75 24.03 -16.82
CA LEU B 95 17.19 23.70 -18.14
C LEU B 95 18.20 23.84 -19.27
N ILE B 96 19.25 24.64 -19.08
CA ILE B 96 20.36 24.60 -20.03
C ILE B 96 21.13 23.30 -19.86
N ALA B 97 21.57 23.01 -18.65
CA ALA B 97 22.46 21.87 -18.46
C ALA B 97 21.75 20.53 -18.56
N TYR B 98 20.43 20.51 -18.63
CA TYR B 98 19.70 19.30 -18.95
C TYR B 98 19.58 19.08 -20.44
N ALA B 99 19.66 20.12 -21.25
CA ALA B 99 19.55 19.96 -22.69
C ALA B 99 20.88 19.79 -23.38
N ILE B 100 21.98 19.93 -22.66
CA ILE B 100 23.28 19.54 -23.19
C ILE B 100 23.62 18.13 -22.78
N GLY B 101 23.13 17.69 -21.63
CA GLY B 101 23.41 16.34 -21.17
C GLY B 101 22.67 15.28 -21.95
N MET B 102 21.53 15.65 -22.55
CA MET B 102 20.67 14.66 -23.17
C MET B 102 21.25 14.16 -24.49
N PHE B 103 22.02 15.00 -25.17
CA PHE B 103 22.73 14.54 -26.36
C PHE B 103 23.91 13.64 -26.03
N ILE B 104 24.45 13.73 -24.82
CA ILE B 104 25.66 12.96 -24.53
C ILE B 104 25.38 11.78 -23.59
N SER B 105 24.57 11.98 -22.55
CA SER B 105 24.29 10.91 -21.61
C SER B 105 23.13 10.03 -22.03
N GLY B 106 22.82 9.99 -23.33
CA GLY B 106 22.15 8.84 -23.89
C GLY B 106 23.13 7.93 -24.60
N VAL B 107 24.22 8.51 -25.12
CA VAL B 107 25.22 7.76 -25.87
C VAL B 107 25.92 6.75 -24.98
N PHE B 108 26.07 7.06 -23.69
CA PHE B 108 26.63 6.07 -22.77
C PHE B 108 25.66 4.92 -22.51
N GLY B 109 24.37 5.10 -22.78
CA GLY B 109 23.42 4.02 -22.66
C GLY B 109 23.58 2.96 -23.73
N GLU B 110 24.28 3.27 -24.82
CA GLU B 110 24.57 2.26 -25.83
C GLU B 110 25.61 1.27 -25.35
N ARG B 111 26.53 1.72 -24.50
CA ARG B 111 27.71 0.93 -24.20
C ARG B 111 27.60 0.19 -22.88
N LEU B 112 27.23 0.88 -21.81
CA LEU B 112 27.26 0.34 -20.48
C LEU B 112 26.11 -0.64 -20.27
N PRO B 113 26.22 -1.53 -19.27
CA PRO B 113 25.05 -2.32 -18.90
C PRO B 113 23.99 -1.41 -18.36
N LEU B 114 22.75 -1.69 -18.76
CA LEU B 114 21.69 -0.71 -18.61
C LEU B 114 21.25 -0.56 -17.16
N ARG B 115 21.23 -1.67 -16.42
CA ARG B 115 20.73 -1.63 -15.05
C ARG B 115 21.66 -0.87 -14.13
N TYR B 116 22.97 -1.06 -14.31
CA TYR B 116 23.95 -0.32 -13.53
C TYR B 116 23.93 1.16 -13.87
N TYR B 117 23.80 1.49 -15.15
CA TYR B 117 23.71 2.86 -15.60
C TYR B 117 22.45 3.55 -15.10
N LEU B 118 21.39 2.79 -14.86
CA LEU B 118 20.19 3.43 -14.36
C LEU B 118 20.25 3.62 -12.85
N SER B 119 20.75 2.63 -12.13
CA SER B 119 20.84 2.77 -10.68
C SER B 119 21.90 3.77 -10.25
N ALA B 120 22.99 3.92 -10.99
CA ALA B 120 23.97 4.94 -10.68
C ALA B 120 23.54 6.34 -11.09
N GLY B 121 22.35 6.49 -11.66
CA GLY B 121 21.77 7.80 -11.88
C GLY B 121 20.70 8.08 -10.86
N MET B 122 19.91 7.07 -10.53
CA MET B 122 18.90 7.30 -9.52
C MET B 122 19.46 7.31 -8.10
N LEU B 123 20.69 6.87 -7.89
CA LEU B 123 21.33 7.13 -6.60
C LEU B 123 22.13 8.42 -6.57
N LEU B 124 22.16 9.18 -7.65
CA LEU B 124 22.78 10.49 -7.59
C LEU B 124 21.80 11.63 -7.73
N SER B 125 20.64 11.40 -8.36
CA SER B 125 19.61 12.43 -8.39
C SER B 125 19.10 12.72 -6.99
N GLY B 126 18.85 11.68 -6.21
CA GLY B 126 18.43 11.84 -4.84
C GLY B 126 19.52 12.30 -3.90
N LEU B 127 20.76 12.30 -4.35
CA LEU B 127 21.82 12.93 -3.58
C LEU B 127 21.91 14.40 -3.92
N PHE B 128 21.75 14.77 -5.18
CA PHE B 128 21.92 16.18 -5.52
C PHE B 128 20.72 17.05 -5.16
N THR B 129 19.49 16.52 -5.23
CA THR B 129 18.37 17.29 -4.67
C THR B 129 18.53 17.44 -3.16
N SER B 130 19.07 16.42 -2.50
CA SER B 130 19.27 16.49 -1.06
C SER B 130 20.35 17.50 -0.69
N LEU B 131 21.42 17.57 -1.48
CA LEU B 131 22.44 18.59 -1.25
C LEU B 131 21.96 19.98 -1.63
N PHE B 132 20.95 20.10 -2.49
CA PHE B 132 20.25 21.37 -2.56
C PHE B 132 19.51 21.64 -1.27
N GLY B 133 18.92 20.60 -0.67
CA GLY B 133 18.20 20.77 0.58
C GLY B 133 19.08 21.05 1.78
N LEU B 134 20.38 20.80 1.68
CA LEU B 134 21.30 21.06 2.79
C LEU B 134 21.77 22.51 2.77
N GLY B 135 20.82 23.43 2.72
CA GLY B 135 21.16 24.83 2.84
C GLY B 135 20.44 25.40 4.03
N TYR B 136 19.29 24.80 4.33
CA TYR B 136 18.50 25.28 5.45
C TYR B 136 19.12 24.88 6.77
N PHE B 137 19.81 23.75 6.81
CA PHE B 137 20.38 23.24 8.05
C PHE B 137 21.81 23.72 8.26
N TRP B 138 22.31 24.56 7.37
CA TRP B 138 23.66 25.08 7.50
C TRP B 138 23.67 26.58 7.24
N ASN B 139 22.51 27.16 6.87
CA ASN B 139 22.30 28.60 6.71
C ASN B 139 23.23 29.20 5.65
N ILE B 140 23.14 28.65 4.46
CA ILE B 140 23.99 29.06 3.36
C ILE B 140 23.31 30.20 2.62
N HIS B 141 24.03 31.30 2.44
CA HIS B 141 23.44 32.50 1.90
C HIS B 141 24.31 33.11 0.82
N GLU B 142 24.87 32.28 -0.04
CA GLU B 142 25.61 32.74 -1.21
C GLU B 142 24.92 32.20 -2.45
N LEU B 143 24.85 33.02 -3.50
CA LEU B 143 24.12 32.63 -4.70
C LEU B 143 24.85 31.56 -5.49
N TRP B 144 26.16 31.44 -5.30
CA TRP B 144 26.93 30.56 -6.17
C TRP B 144 26.84 29.10 -5.73
N TYR B 145 26.40 28.86 -4.50
CA TYR B 145 26.13 27.48 -4.11
C TYR B 145 24.86 26.98 -4.76
N PHE B 146 23.88 27.86 -4.90
CA PHE B 146 22.57 27.46 -5.40
C PHE B 146 22.47 27.48 -6.91
N VAL B 147 23.59 27.60 -7.63
CA VAL B 147 23.60 27.38 -9.07
C VAL B 147 24.55 26.28 -9.48
N VAL B 148 25.58 25.96 -8.69
CA VAL B 148 26.45 24.84 -9.06
C VAL B 148 25.85 23.53 -8.61
N ILE B 149 24.75 23.57 -7.86
CA ILE B 149 23.99 22.36 -7.60
C ILE B 149 23.09 22.02 -8.77
N GLN B 150 22.25 22.97 -9.18
CA GLN B 150 21.29 22.69 -10.24
C GLN B 150 21.93 22.58 -11.62
N VAL B 151 23.24 22.80 -11.77
CA VAL B 151 23.95 22.32 -12.94
C VAL B 151 24.30 20.86 -12.79
N CYS B 152 24.93 20.49 -11.68
CA CYS B 152 25.30 19.11 -11.46
C CYS B 152 24.08 18.22 -11.23
N ASN B 153 22.95 18.79 -10.84
CA ASN B 153 21.70 18.05 -10.77
C ASN B 153 21.01 17.97 -12.12
N GLY B 154 21.60 18.56 -13.14
CA GLY B 154 21.00 18.56 -14.46
C GLY B 154 21.79 17.73 -15.43
N LEU B 155 22.91 17.19 -14.98
CA LEU B 155 23.61 16.17 -15.72
C LEU B 155 23.25 14.77 -15.25
N VAL B 156 22.65 14.66 -14.07
CA VAL B 156 22.31 13.38 -13.50
C VAL B 156 20.95 12.92 -13.95
N GLN B 157 19.94 13.78 -13.89
CA GLN B 157 18.61 13.40 -14.30
C GLN B 157 18.40 13.37 -15.80
N THR B 158 19.48 13.40 -16.57
CA THR B 158 19.39 13.01 -17.97
C THR B 158 19.09 11.53 -18.09
N THR B 159 19.76 10.68 -17.30
CA THR B 159 19.83 9.24 -17.48
C THR B 159 18.51 8.51 -17.39
N GLY B 160 17.40 9.18 -17.11
CA GLY B 160 16.13 8.50 -17.13
C GLY B 160 15.69 8.13 -18.53
N TRP B 161 15.33 9.12 -19.32
CA TRP B 161 14.58 8.88 -20.56
C TRP B 161 15.30 8.15 -21.69
N PRO B 162 16.63 8.18 -21.84
CA PRO B 162 17.24 7.22 -22.76
C PRO B 162 17.32 5.81 -22.23
N SER B 163 17.04 5.58 -20.96
CA SER B 163 17.16 4.24 -20.39
C SER B 163 15.84 3.76 -19.84
N VAL B 164 14.75 4.33 -20.33
CA VAL B 164 13.41 3.89 -19.98
C VAL B 164 12.65 3.38 -21.20
N VAL B 165 12.84 4.01 -22.36
CA VAL B 165 12.34 3.40 -23.58
C VAL B 165 13.45 2.60 -24.24
N THR B 166 14.50 2.28 -23.50
CA THR B 166 15.38 1.22 -23.94
C THR B 166 14.95 -0.12 -23.36
N CYS B 167 14.47 -0.11 -22.11
CA CYS B 167 13.89 -1.32 -21.53
C CYS B 167 12.63 -1.71 -22.27
N VAL B 168 11.71 -0.75 -22.48
CA VAL B 168 10.45 -1.06 -23.12
C VAL B 168 10.63 -1.36 -24.59
N GLY B 169 11.72 -0.91 -25.19
CA GLY B 169 11.97 -1.25 -26.58
C GLY B 169 12.38 -2.69 -26.79
N ASN B 170 13.01 -3.30 -25.80
CA ASN B 170 13.52 -4.66 -25.97
C ASN B 170 12.45 -5.73 -25.82
N TRP B 171 11.28 -5.38 -25.31
CA TRP B 171 10.24 -6.37 -25.07
C TRP B 171 9.11 -6.33 -26.09
N PHE B 172 8.69 -5.15 -26.52
CA PHE B 172 7.48 -4.98 -27.30
C PHE B 172 7.79 -4.76 -28.77
N GLY B 173 6.86 -5.17 -29.62
CA GLY B 173 7.05 -5.12 -31.05
C GLY B 173 6.18 -4.07 -31.73
N LYS B 174 5.69 -4.42 -32.91
CA LYS B 174 4.80 -3.55 -33.68
C LYS B 174 3.35 -3.98 -33.46
N GLY B 175 3.02 -4.30 -32.23
CA GLY B 175 1.67 -4.74 -31.94
C GLY B 175 0.83 -3.52 -31.74
N LYS B 176 0.22 -3.37 -30.58
CA LYS B 176 -0.52 -2.16 -30.28
C LYS B 176 0.37 -1.20 -29.50
N ARG B 177 1.43 -0.76 -30.19
CA ARG B 177 2.48 0.05 -29.56
C ARG B 177 1.99 1.44 -29.21
N GLY B 178 1.29 2.09 -30.14
CA GLY B 178 0.79 3.43 -29.90
C GLY B 178 -0.27 3.54 -28.83
N PHE B 179 -0.89 2.42 -28.46
CA PHE B 179 -1.88 2.39 -27.39
C PHE B 179 -1.28 2.02 -26.05
N ILE B 180 -0.39 1.02 -26.03
CA ILE B 180 0.29 0.64 -24.79
C ILE B 180 1.21 1.75 -24.32
N MET B 181 2.08 2.23 -25.21
CA MET B 181 2.97 3.32 -24.81
C MET B 181 2.30 4.68 -24.84
N GLY B 182 0.99 4.73 -25.07
CA GLY B 182 0.21 5.93 -24.87
C GLY B 182 -0.46 5.94 -23.51
N ILE B 183 -1.02 4.79 -23.09
CA ILE B 183 -1.50 4.66 -21.73
C ILE B 183 -0.34 4.75 -20.76
N TRP B 184 0.81 4.21 -21.16
CA TRP B 184 2.00 4.21 -20.33
C TRP B 184 2.55 5.61 -20.11
N ASN B 185 2.23 6.58 -20.97
CA ASN B 185 2.79 7.91 -20.82
C ASN B 185 2.02 8.76 -19.82
N SER B 186 1.29 8.15 -18.90
CA SER B 186 0.65 8.90 -17.82
C SER B 186 1.61 9.23 -16.69
N HIS B 187 2.88 8.83 -16.79
CA HIS B 187 3.79 9.13 -15.70
C HIS B 187 4.18 10.60 -15.66
N THR B 188 4.26 11.27 -16.81
CA THR B 188 4.60 12.69 -16.80
C THR B 188 3.45 13.57 -16.29
N SER B 189 2.29 13.00 -15.99
CA SER B 189 1.25 13.73 -15.30
C SER B 189 0.89 13.16 -13.95
N VAL B 190 1.28 11.92 -13.65
CA VAL B 190 1.12 11.43 -12.27
C VAL B 190 2.36 11.76 -11.45
N GLY B 191 3.42 12.26 -12.07
CA GLY B 191 4.56 12.68 -11.29
C GLY B 191 4.42 14.10 -10.80
N ASN B 192 3.88 14.97 -11.65
CA ASN B 192 3.73 16.38 -11.31
C ASN B 192 2.78 16.58 -10.15
N ILE B 193 1.72 15.79 -10.09
CA ILE B 193 0.71 15.97 -9.06
C ILE B 193 1.24 15.54 -7.70
N LEU B 194 1.91 14.39 -7.65
CA LEU B 194 2.51 13.95 -6.38
C LEU B 194 3.71 14.82 -6.00
N GLY B 195 4.37 15.44 -6.97
CA GLY B 195 5.40 16.39 -6.63
C GLY B 195 4.84 17.66 -6.02
N SER B 196 3.75 18.17 -6.58
CA SER B 196 3.12 19.35 -6.02
C SER B 196 2.44 19.07 -4.70
N LEU B 197 2.06 17.83 -4.44
CA LEU B 197 1.40 17.50 -3.18
C LEU B 197 2.39 17.18 -2.08
N ILE B 198 3.45 16.42 -2.36
CA ILE B 198 4.40 16.08 -1.31
C ILE B 198 5.25 17.28 -0.94
N ALA B 199 5.70 18.05 -1.93
CA ALA B 199 6.48 19.24 -1.61
C ALA B 199 5.63 20.37 -1.07
N GLY B 200 4.31 20.28 -1.18
CA GLY B 200 3.43 21.27 -0.62
C GLY B 200 3.24 21.21 0.88
N ILE B 201 3.73 20.16 1.53
CA ILE B 201 3.51 19.98 2.96
C ILE B 201 4.42 20.90 3.77
N TRP B 202 5.72 20.88 3.51
CA TRP B 202 6.68 21.58 4.34
C TRP B 202 7.07 22.95 3.79
N VAL B 203 6.14 23.66 3.14
CA VAL B 203 6.49 24.91 2.49
C VAL B 203 6.75 25.98 3.54
N ASN B 204 5.69 26.36 4.25
CA ASN B 204 5.82 27.21 5.41
C ASN B 204 5.87 26.36 6.68
N GLY B 205 6.61 26.84 7.66
CA GLY B 205 7.13 25.99 8.70
C GLY B 205 8.64 25.96 8.57
N GLN B 206 9.20 24.87 8.08
CA GLN B 206 10.58 24.84 7.65
C GLN B 206 10.67 24.17 6.29
N TRP B 207 11.33 24.83 5.35
CA TRP B 207 11.33 24.44 3.95
C TRP B 207 12.50 23.56 3.56
N GLY B 208 13.40 23.25 4.49
CA GLY B 208 14.49 22.37 4.16
C GLY B 208 14.06 20.94 3.96
N LEU B 209 12.97 20.52 4.60
CA LEU B 209 12.46 19.17 4.46
C LEU B 209 11.43 19.06 3.36
N SER B 210 11.50 19.90 2.34
CA SER B 210 10.69 19.70 1.14
C SER B 210 11.51 19.17 -0.02
N PHE B 211 12.83 19.23 0.06
CA PHE B 211 13.68 18.64 -0.96
C PHE B 211 14.27 17.31 -0.52
N ILE B 212 14.58 17.17 0.76
CA ILE B 212 15.33 16.01 1.21
C ILE B 212 14.47 14.76 1.18
N VAL B 213 13.16 14.89 1.41
CA VAL B 213 12.28 13.73 1.39
C VAL B 213 12.05 13.19 -0.03
N PRO B 214 11.85 13.99 -1.08
CA PRO B 214 11.90 13.40 -2.43
C PRO B 214 13.28 12.89 -2.82
N GLY B 215 14.35 13.49 -2.33
CA GLY B 215 15.67 12.95 -2.56
C GLY B 215 15.94 11.65 -1.83
N ILE B 216 15.16 11.34 -0.81
CA ILE B 216 15.23 10.03 -0.19
C ILE B 216 14.36 9.03 -0.93
N ILE B 217 13.18 9.46 -1.38
CA ILE B 217 12.29 8.55 -2.12
C ILE B 217 12.92 8.11 -3.43
N THR B 218 13.61 9.01 -4.12
CA THR B 218 14.22 8.64 -5.40
C THR B 218 15.38 7.67 -5.21
N ALA B 219 16.23 7.91 -4.22
CA ALA B 219 17.32 6.96 -4.00
C ALA B 219 16.86 5.66 -3.36
N VAL B 220 15.66 5.62 -2.76
CA VAL B 220 15.11 4.34 -2.33
C VAL B 220 14.59 3.56 -3.53
N MET B 221 13.93 4.23 -4.47
CA MET B 221 13.52 3.56 -5.70
C MET B 221 14.72 3.16 -6.55
N GLY B 222 15.85 3.83 -6.37
CA GLY B 222 17.07 3.53 -7.08
C GLY B 222 17.71 2.20 -6.76
N VAL B 223 17.27 1.50 -5.72
CA VAL B 223 17.76 0.15 -5.47
C VAL B 223 16.71 -0.91 -5.71
N ILE B 224 15.43 -0.57 -5.66
CA ILE B 224 14.44 -1.50 -6.19
C ILE B 224 14.61 -1.64 -7.69
N THR B 225 15.03 -0.58 -8.39
CA THR B 225 15.42 -0.76 -9.77
C THR B 225 16.78 -1.43 -9.93
N PHE B 226 17.56 -1.54 -8.86
CA PHE B 226 18.79 -2.34 -8.95
C PHE B 226 18.49 -3.80 -8.82
N LEU B 227 17.51 -4.17 -8.00
CA LEU B 227 17.30 -5.57 -7.72
C LEU B 227 16.34 -6.25 -8.70
N PHE B 228 15.67 -5.51 -9.58
CA PHE B 228 14.59 -6.17 -10.31
C PHE B 228 14.47 -5.78 -11.78
N LEU B 229 15.52 -5.28 -12.42
CA LEU B 229 15.40 -4.77 -13.78
C LEU B 229 15.96 -5.80 -14.75
N ILE B 230 15.07 -6.63 -15.30
CA ILE B 230 15.44 -7.62 -16.29
C ILE B 230 15.42 -6.93 -17.65
N GLU B 231 16.58 -6.79 -18.28
CA GLU B 231 16.63 -6.03 -19.51
C GLU B 231 16.20 -6.83 -20.74
N HIS B 232 16.90 -7.87 -21.07
CA HIS B 232 16.60 -8.59 -22.29
C HIS B 232 15.59 -9.70 -22.04
N PRO B 233 14.76 -10.05 -23.02
CA PRO B 233 13.83 -11.18 -22.82
C PRO B 233 14.51 -12.53 -22.90
N GLU B 234 15.76 -12.58 -23.33
CA GLU B 234 16.49 -13.83 -23.40
C GLU B 234 17.27 -14.14 -22.12
N ASP B 235 17.39 -13.17 -21.21
CA ASP B 235 18.10 -13.43 -19.96
C ASP B 235 17.26 -14.22 -18.98
N VAL B 236 15.95 -14.23 -19.12
CA VAL B 236 15.10 -15.11 -18.36
C VAL B 236 14.32 -16.06 -19.26
N ASP B 237 14.79 -16.18 -20.51
CA ASP B 237 14.35 -17.20 -21.47
C ASP B 237 12.88 -17.07 -21.82
N CYS B 238 12.45 -15.85 -22.12
CA CYS B 238 11.10 -15.61 -22.60
C CYS B 238 11.10 -15.65 -24.12
N ALA B 239 10.01 -15.19 -24.72
CA ALA B 239 10.05 -15.10 -26.16
C ALA B 239 10.64 -13.75 -26.58
N PRO B 240 11.53 -13.75 -27.57
CA PRO B 240 11.97 -12.47 -28.14
C PRO B 240 10.83 -11.80 -28.87
N PRO B 241 10.86 -10.47 -29.06
CA PRO B 241 9.70 -9.78 -29.63
C PRO B 241 9.53 -10.03 -31.11
N GLN B 242 8.60 -9.31 -31.72
CA GLN B 242 8.35 -9.47 -33.15
C GLN B 242 9.53 -8.91 -33.93
N HIS B 243 9.50 -9.09 -35.26
CA HIS B 243 10.57 -8.62 -36.14
C HIS B 243 10.68 -7.09 -36.27
N HIS B 244 9.87 -6.35 -35.51
CA HIS B 244 9.76 -4.89 -35.51
C HIS B 244 9.38 -4.41 -36.91
N GLY B 245 8.56 -5.20 -37.60
CA GLY B 245 8.19 -4.93 -38.98
C GLY B 245 6.90 -5.66 -39.32
N CYS B 280 24.97 -16.49 -33.62
CA CYS B 280 25.49 -15.32 -34.30
C CYS B 280 26.14 -14.35 -33.31
N GLU B 281 26.71 -13.26 -33.83
CA GLU B 281 27.34 -12.26 -33.00
C GLU B 281 26.33 -11.17 -32.64
N GLU B 282 26.29 -10.81 -31.35
CA GLU B 282 25.43 -9.73 -30.89
C GLU B 282 25.96 -8.40 -31.41
N PRO B 283 25.09 -7.49 -31.85
CA PRO B 283 25.57 -6.25 -32.46
C PRO B 283 26.25 -5.33 -31.45
N ALA B 284 27.28 -4.63 -31.90
CA ALA B 284 28.16 -3.91 -30.97
C ALA B 284 27.57 -2.57 -30.55
N ALA B 285 27.46 -1.63 -31.48
CA ALA B 285 27.10 -0.26 -31.15
C ALA B 285 26.67 0.46 -32.41
N ILE B 286 26.55 1.78 -32.31
CA ILE B 286 26.38 2.66 -33.47
C ILE B 286 27.12 3.95 -33.16
N SER B 287 27.60 4.61 -34.22
CA SER B 287 28.18 5.93 -34.05
C SER B 287 27.07 6.98 -33.98
N PHE B 288 27.42 8.14 -33.41
CA PHE B 288 26.42 9.18 -33.22
C PHE B 288 26.02 9.82 -34.54
N PHE B 289 26.99 10.09 -35.40
CA PHE B 289 26.67 10.65 -36.71
C PHE B 289 26.02 9.60 -37.60
N GLY B 290 26.30 8.33 -37.35
CA GLY B 290 25.65 7.26 -38.10
C GLY B 290 24.19 7.10 -37.79
N ALA B 291 23.74 7.58 -36.62
CA ALA B 291 22.33 7.51 -36.29
C ALA B 291 21.52 8.64 -36.91
N LEU B 292 22.18 9.68 -37.39
CA LEU B 292 21.46 10.79 -38.04
C LEU B 292 20.95 10.40 -39.41
N ARG B 293 21.51 9.39 -40.05
CA ARG B 293 21.12 9.03 -41.40
C ARG B 293 19.88 8.16 -41.46
N ILE B 294 19.26 7.88 -40.32
CA ILE B 294 17.96 7.22 -40.29
C ILE B 294 16.93 8.13 -40.95
N PRO B 295 15.98 7.62 -41.77
CA PRO B 295 15.15 8.51 -42.57
C PRO B 295 14.08 9.31 -41.85
N GLY B 296 14.11 9.37 -40.52
CA GLY B 296 13.13 10.21 -39.84
C GLY B 296 13.66 11.09 -38.73
N VAL B 297 14.91 10.86 -38.30
CA VAL B 297 15.35 11.39 -37.03
C VAL B 297 15.64 12.89 -37.08
N VAL B 298 15.77 13.47 -38.27
CA VAL B 298 15.97 14.92 -38.34
C VAL B 298 14.64 15.65 -38.30
N GLU B 299 13.69 15.22 -39.13
CA GLU B 299 12.42 15.91 -39.20
C GLU B 299 11.57 15.70 -37.96
N PHE B 300 11.74 14.58 -37.25
CA PHE B 300 11.02 14.36 -36.01
C PHE B 300 11.72 14.96 -34.79
N SER B 301 12.62 15.90 -34.98
CA SER B 301 13.15 16.57 -33.81
C SER B 301 13.06 18.07 -33.91
N LEU B 302 13.30 18.66 -35.07
CA LEU B 302 13.10 20.08 -35.26
C LEU B 302 11.65 20.41 -35.58
N CYS B 303 10.77 19.42 -35.55
CA CYS B 303 9.34 19.64 -35.37
C CYS B 303 8.97 19.71 -33.91
N LEU B 304 9.61 18.87 -33.09
CA LEU B 304 9.23 18.75 -31.69
C LEU B 304 9.74 19.91 -30.85
N LEU B 305 10.81 20.59 -31.31
CA LEU B 305 11.26 21.79 -30.60
C LEU B 305 10.25 22.91 -30.73
N PHE B 306 9.49 22.91 -31.81
CA PHE B 306 8.45 23.91 -31.99
C PHE B 306 7.09 23.42 -31.51
N ALA B 307 7.07 22.46 -30.60
CA ALA B 307 5.83 22.08 -29.93
C ALA B 307 5.93 22.17 -28.42
N LYS B 308 7.09 21.83 -27.86
CA LYS B 308 7.33 22.10 -26.44
C LYS B 308 7.35 23.60 -26.18
N LEU B 309 7.83 24.38 -27.14
CA LEU B 309 7.80 25.83 -27.02
C LEU B 309 6.36 26.35 -27.04
N VAL B 310 5.50 25.73 -27.85
CA VAL B 310 4.08 26.08 -27.83
C VAL B 310 3.46 25.72 -26.48
N SER B 311 3.82 24.56 -25.94
CA SER B 311 3.23 24.12 -24.69
C SER B 311 3.73 24.94 -23.50
N TYR B 312 4.91 25.55 -23.63
CA TYR B 312 5.37 26.44 -22.56
C TYR B 312 4.79 27.84 -22.71
N THR B 313 4.69 28.32 -23.95
CA THR B 313 4.16 29.65 -24.23
C THR B 313 2.70 29.76 -23.83
N PHE B 314 1.91 28.71 -24.05
CA PHE B 314 0.50 28.75 -23.71
C PHE B 314 0.28 28.77 -22.20
N LEU B 315 1.03 27.94 -21.47
CA LEU B 315 0.86 27.88 -20.02
C LEU B 315 1.44 29.11 -19.34
N TYR B 316 2.42 29.78 -19.98
CA TYR B 316 2.86 31.08 -19.47
C TYR B 316 1.86 32.18 -19.79
N TRP B 317 1.14 32.04 -20.90
CA TRP B 317 0.25 33.10 -21.36
C TRP B 317 -1.08 33.10 -20.62
N LEU B 318 -1.56 31.91 -20.23
CA LEU B 318 -2.93 31.80 -19.73
C LEU B 318 -3.24 32.55 -18.42
N PRO B 319 -2.37 32.62 -17.39
CA PRO B 319 -2.71 33.48 -16.25
C PRO B 319 -2.75 34.97 -16.59
N LEU B 320 -1.85 35.44 -17.45
CA LEU B 320 -1.91 36.83 -17.89
C LEU B 320 -3.14 37.10 -18.75
N TYR B 321 -3.71 36.07 -19.38
CA TYR B 321 -4.97 36.27 -20.08
C TYR B 321 -6.13 36.36 -19.10
N ILE B 322 -6.22 35.42 -18.16
CA ILE B 322 -7.39 35.41 -17.28
C ILE B 322 -7.34 36.49 -16.21
N ALA B 323 -6.19 37.12 -15.99
CA ALA B 323 -6.13 38.18 -14.99
C ALA B 323 -6.83 39.44 -15.49
N ASN B 324 -6.41 39.98 -16.62
CA ASN B 324 -6.83 41.30 -17.05
C ASN B 324 -8.15 41.32 -17.82
N VAL B 325 -8.72 40.16 -18.14
CA VAL B 325 -9.94 40.12 -18.94
C VAL B 325 -11.06 39.41 -18.18
N ALA B 326 -10.80 38.17 -17.77
CA ALA B 326 -11.84 37.31 -17.22
C ALA B 326 -12.27 37.72 -15.81
N HIS B 327 -11.39 38.41 -15.07
CA HIS B 327 -11.58 38.76 -13.66
C HIS B 327 -11.92 37.54 -12.83
N PHE B 328 -11.08 36.52 -12.96
CA PHE B 328 -11.38 35.18 -12.49
C PHE B 328 -10.59 34.88 -11.22
N SER B 329 -11.18 34.01 -10.38
CA SER B 329 -10.57 33.64 -9.12
C SER B 329 -9.32 32.80 -9.35
N ALA B 330 -8.21 33.23 -8.74
CA ALA B 330 -6.92 32.58 -8.94
C ALA B 330 -6.79 31.24 -8.21
N LYS B 331 -7.77 30.86 -7.40
CA LYS B 331 -7.72 29.56 -6.74
C LYS B 331 -8.10 28.44 -7.68
N GLU B 332 -8.67 28.77 -8.84
CA GLU B 332 -9.08 27.77 -9.81
C GLU B 332 -8.14 27.70 -11.01
N ALA B 333 -7.27 28.69 -11.18
CA ALA B 333 -6.27 28.65 -12.26
C ALA B 333 -5.26 27.52 -12.03
N GLY B 334 -4.97 27.20 -10.77
CA GLY B 334 -4.16 26.03 -10.48
C GLY B 334 -4.83 24.74 -10.88
N ASP B 335 -6.17 24.71 -10.88
CA ASP B 335 -6.89 23.55 -11.38
C ASP B 335 -6.90 23.57 -12.90
N LEU B 336 -6.89 24.77 -13.51
CA LEU B 336 -6.85 24.88 -14.97
C LEU B 336 -5.54 24.35 -15.52
N SER B 337 -4.42 24.69 -14.86
CA SER B 337 -3.10 24.21 -15.26
C SER B 337 -2.90 22.73 -14.94
N THR B 338 -3.86 22.06 -14.33
CA THR B 338 -3.84 20.61 -14.20
C THR B 338 -4.79 19.97 -15.21
N LEU B 339 -5.92 20.62 -15.50
CA LEU B 339 -6.82 20.16 -16.53
C LEU B 339 -6.17 20.16 -17.90
N PHE B 340 -5.22 21.06 -18.12
CA PHE B 340 -4.47 21.04 -19.37
C PHE B 340 -3.68 19.74 -19.53
N ASP B 341 -3.01 19.29 -18.47
CA ASP B 341 -2.30 18.02 -18.57
C ASP B 341 -3.21 16.80 -18.53
N VAL B 342 -4.40 16.91 -17.94
CA VAL B 342 -5.35 15.81 -18.04
C VAL B 342 -5.83 15.65 -19.48
N GLY B 343 -6.06 16.79 -20.16
CA GLY B 343 -6.30 16.75 -21.59
C GLY B 343 -5.12 16.19 -22.35
N GLY B 344 -3.91 16.44 -21.86
CA GLY B 344 -2.73 15.79 -22.44
C GLY B 344 -2.74 14.28 -22.30
N ILE B 345 -3.20 13.78 -21.14
CA ILE B 345 -3.32 12.32 -20.94
C ILE B 345 -4.31 11.73 -21.94
N ILE B 346 -5.44 12.40 -22.13
CA ILE B 346 -6.44 11.93 -23.09
C ILE B 346 -5.89 11.98 -24.52
N GLY B 347 -5.17 13.05 -24.85
CA GLY B 347 -4.63 13.18 -26.19
C GLY B 347 -3.56 12.16 -26.51
N GLY B 348 -2.76 11.77 -25.50
CA GLY B 348 -1.72 10.77 -25.69
C GLY B 348 -2.22 9.37 -25.99
N ILE B 349 -3.53 9.12 -25.88
CA ILE B 349 -4.14 7.86 -26.25
C ILE B 349 -4.99 8.00 -27.50
N VAL B 350 -5.68 9.14 -27.64
CA VAL B 350 -6.50 9.37 -28.82
C VAL B 350 -5.63 9.50 -30.05
N ALA B 351 -4.47 10.14 -29.94
CA ALA B 351 -3.55 10.16 -31.06
C ALA B 351 -2.82 8.84 -31.26
N GLY B 352 -2.90 7.91 -30.32
CA GLY B 352 -2.20 6.64 -30.45
C GLY B 352 -3.01 5.61 -31.18
N LEU B 353 -4.30 5.52 -30.85
CA LEU B 353 -5.19 4.57 -31.51
C LEU B 353 -5.32 4.86 -33.00
N VAL B 354 -5.51 6.13 -33.34
CA VAL B 354 -5.72 6.52 -34.73
C VAL B 354 -4.44 6.33 -35.53
N SER B 355 -3.29 6.60 -34.92
CA SER B 355 -2.03 6.39 -35.62
C SER B 355 -1.68 4.91 -35.74
N ASP B 356 -2.22 4.06 -34.87
CA ASP B 356 -2.06 2.63 -35.12
C ASP B 356 -2.92 2.18 -36.29
N TYR B 357 -4.23 2.43 -36.22
CA TYR B 357 -5.11 1.81 -37.21
C TYR B 357 -5.18 2.56 -38.53
N THR B 358 -4.26 3.50 -38.80
CA THR B 358 -4.14 4.07 -40.13
C THR B 358 -2.75 3.95 -40.72
N ASN B 359 -1.83 3.26 -40.01
CA ASN B 359 -0.49 2.91 -40.49
C ASN B 359 0.32 4.15 -40.87
N GLY B 360 0.21 5.18 -40.06
CA GLY B 360 0.92 6.42 -40.31
C GLY B 360 0.84 7.33 -39.12
N ARG B 361 1.97 7.84 -38.66
CA ARG B 361 1.99 8.57 -37.41
C ARG B 361 2.32 10.04 -37.58
N ALA B 362 3.07 10.41 -38.61
CA ALA B 362 3.32 11.82 -38.86
C ALA B 362 2.05 12.51 -39.34
N THR B 363 1.23 11.82 -40.13
CA THR B 363 0.00 12.41 -40.63
C THR B 363 -1.06 12.56 -39.56
N THR B 364 -0.93 11.89 -38.42
CA THR B 364 -1.81 12.17 -37.29
C THR B 364 -1.37 13.43 -36.58
N CYS B 365 -0.07 13.59 -36.38
CA CYS B 365 0.46 14.75 -35.69
C CYS B 365 0.24 16.02 -36.47
N CYS B 366 0.34 15.95 -37.80
CA CYS B 366 0.14 17.15 -38.62
C CYS B 366 -1.30 17.62 -38.58
N VAL B 367 -2.25 16.68 -38.63
CA VAL B 367 -3.67 17.04 -38.55
C VAL B 367 -4.02 17.58 -37.18
N MET B 368 -3.50 16.95 -36.12
CA MET B 368 -3.79 17.44 -34.79
C MET B 368 -3.01 18.69 -34.42
N LEU B 369 -2.03 19.10 -35.21
CA LEU B 369 -1.48 20.43 -35.02
C LEU B 369 -2.19 21.49 -35.85
N ILE B 370 -2.63 21.17 -37.06
CA ILE B 370 -3.34 22.14 -37.88
C ILE B 370 -4.70 22.46 -37.27
N LEU B 371 -5.38 21.44 -36.76
CA LEU B 371 -6.70 21.68 -36.16
C LEU B 371 -6.62 22.19 -34.72
N ALA B 372 -5.45 22.60 -34.25
CA ALA B 372 -5.29 23.14 -32.90
C ALA B 372 -5.37 24.66 -32.86
N ALA B 373 -4.80 25.34 -33.84
CA ALA B 373 -4.77 26.80 -33.83
C ALA B 373 -6.14 27.47 -33.98
N PRO B 374 -7.11 26.97 -34.78
CA PRO B 374 -8.45 27.56 -34.66
C PRO B 374 -9.09 27.36 -33.31
N MET B 375 -8.77 26.28 -32.60
CA MET B 375 -9.37 26.07 -31.29
C MET B 375 -8.78 27.04 -30.26
N MET B 376 -7.48 27.31 -30.33
CA MET B 376 -6.90 28.31 -29.44
C MET B 376 -7.32 29.73 -29.80
N PHE B 377 -7.51 30.01 -31.10
CA PHE B 377 -8.03 31.32 -31.49
C PHE B 377 -9.47 31.50 -31.02
N LEU B 378 -10.26 30.43 -31.04
CA LEU B 378 -11.62 30.50 -30.54
C LEU B 378 -11.64 30.62 -29.01
N TYR B 379 -10.67 30.02 -28.33
CA TYR B 379 -10.56 30.21 -26.88
C TYR B 379 -10.17 31.64 -26.55
N ASN B 380 -9.33 32.26 -27.38
CA ASN B 380 -9.01 33.67 -27.18
C ASN B 380 -10.23 34.55 -27.44
N TYR B 381 -11.02 34.21 -28.45
CA TYR B 381 -12.21 35.01 -28.75
C TYR B 381 -13.33 34.74 -27.76
N ILE B 382 -13.46 33.51 -27.28
CA ILE B 382 -14.50 33.14 -26.33
C ILE B 382 -13.80 32.60 -25.10
N GLY B 383 -13.59 33.46 -24.11
CA GLY B 383 -13.09 33.04 -22.82
C GLY B 383 -13.74 33.85 -21.72
N GLN B 384 -14.68 34.71 -22.12
CA GLN B 384 -15.29 35.67 -21.22
C GLN B 384 -16.20 35.02 -20.18
N ASP B 385 -16.63 33.78 -20.41
CA ASP B 385 -17.38 33.05 -19.41
C ASP B 385 -16.50 32.74 -18.21
N GLY B 386 -17.12 32.70 -17.03
CA GLY B 386 -16.40 32.43 -15.81
C GLY B 386 -15.88 31.01 -15.68
N ILE B 387 -16.79 30.04 -15.51
CA ILE B 387 -16.37 28.68 -15.20
C ILE B 387 -16.90 27.68 -16.20
N ALA B 388 -18.02 28.00 -16.86
CA ALA B 388 -18.78 26.97 -17.55
C ALA B 388 -18.13 26.58 -18.88
N SER B 389 -18.08 27.52 -19.82
CA SER B 389 -17.58 27.20 -21.16
C SER B 389 -16.06 27.18 -21.22
N SER B 390 -15.37 27.55 -20.15
CA SER B 390 -13.92 27.59 -20.15
C SER B 390 -13.30 26.21 -20.09
N ILE B 391 -13.89 25.30 -19.31
CA ILE B 391 -13.29 23.99 -19.08
C ILE B 391 -13.33 23.16 -20.35
N VAL B 392 -14.45 23.19 -21.07
CA VAL B 392 -14.59 22.36 -22.25
C VAL B 392 -13.75 22.90 -23.40
N MET B 393 -13.48 24.19 -23.42
CA MET B 393 -12.57 24.76 -24.40
C MET B 393 -11.12 24.65 -23.98
N LEU B 394 -10.85 24.31 -22.72
CA LEU B 394 -9.49 24.11 -22.28
C LEU B 394 -9.04 22.66 -22.34
N ILE B 395 -9.94 21.70 -22.16
CA ILE B 395 -9.58 20.29 -22.29
C ILE B 395 -9.20 19.98 -23.73
N ILE B 396 -9.91 20.56 -24.70
CA ILE B 396 -9.61 20.33 -26.11
C ILE B 396 -8.25 20.92 -26.47
N CYS B 397 -7.94 22.11 -25.96
CA CYS B 397 -6.61 22.68 -26.16
C CYS B 397 -5.55 21.93 -25.38
N GLY B 398 -5.94 21.14 -24.37
CA GLY B 398 -4.99 20.26 -23.73
C GLY B 398 -4.76 18.96 -24.47
N GLY B 399 -5.71 18.54 -25.28
CA GLY B 399 -5.61 17.30 -26.01
C GLY B 399 -5.17 17.43 -27.44
N LEU B 400 -4.66 18.59 -27.85
CA LEU B 400 -4.18 18.78 -29.21
C LEU B 400 -2.78 19.36 -29.28
N VAL B 401 -2.15 19.70 -28.16
CA VAL B 401 -0.75 20.07 -28.14
C VAL B 401 0.06 19.27 -27.15
N ASN B 402 -0.53 18.28 -26.48
CA ASN B 402 0.23 17.28 -25.74
C ASN B 402 -0.09 15.87 -26.16
N GLY B 403 -0.95 15.69 -27.16
CA GLY B 403 -1.02 14.43 -27.87
C GLY B 403 0.16 14.27 -28.79
N PRO B 404 0.31 15.17 -29.77
CA PRO B 404 1.48 15.13 -30.64
C PRO B 404 2.80 15.55 -29.99
N TYR B 405 2.84 15.85 -28.71
CA TYR B 405 4.13 15.84 -28.03
C TYR B 405 4.45 14.48 -27.46
N ALA B 406 3.44 13.74 -27.05
CA ALA B 406 3.66 12.39 -26.59
C ALA B 406 4.05 11.47 -27.74
N LEU B 407 3.23 11.47 -28.80
CA LEU B 407 3.33 10.49 -29.88
C LEU B 407 4.64 10.57 -30.64
N ILE B 408 5.37 11.68 -30.55
CA ILE B 408 6.66 11.75 -31.21
C ILE B 408 7.80 11.38 -30.28
N THR B 409 7.58 11.34 -28.97
CA THR B 409 8.66 10.94 -28.08
C THR B 409 8.43 9.61 -27.38
N THR B 410 7.29 8.94 -27.59
CA THR B 410 7.08 7.61 -27.02
C THR B 410 6.70 6.55 -28.03
N ALA B 411 6.37 6.91 -29.27
CA ALA B 411 5.99 5.91 -30.26
C ALA B 411 6.96 5.89 -31.42
N VAL B 412 7.19 7.01 -32.10
CA VAL B 412 8.13 6.97 -33.21
C VAL B 412 9.56 6.97 -32.73
N SER B 413 9.81 7.35 -31.48
CA SER B 413 11.15 7.26 -30.94
C SER B 413 11.55 5.83 -30.63
N ALA B 414 10.58 4.95 -30.37
CA ALA B 414 10.84 3.53 -30.26
C ALA B 414 10.56 2.81 -31.58
N ASP B 415 10.32 3.57 -32.65
CA ASP B 415 10.11 3.02 -33.97
C ASP B 415 11.24 3.31 -34.94
N LEU B 416 11.73 4.56 -34.96
CA LEU B 416 12.85 4.88 -35.81
C LEU B 416 14.13 4.22 -35.32
N GLY B 417 14.21 3.89 -34.03
CA GLY B 417 15.37 3.20 -33.53
C GLY B 417 15.41 1.75 -33.96
N THR B 418 14.27 1.16 -34.27
CA THR B 418 14.17 -0.21 -34.74
C THR B 418 13.85 -0.24 -36.23
N HIS B 419 14.42 0.70 -36.97
CA HIS B 419 14.13 0.83 -38.38
C HIS B 419 14.82 -0.27 -39.16
N LYS B 420 14.29 -0.54 -40.36
CA LYS B 420 14.82 -1.61 -41.20
C LYS B 420 16.23 -1.32 -41.71
N SER B 421 16.57 -0.03 -41.85
CA SER B 421 17.85 0.36 -42.40
C SER B 421 19.03 0.09 -41.47
N LEU B 422 18.79 -0.30 -40.22
CA LEU B 422 19.87 -0.79 -39.38
C LEU B 422 20.38 -2.16 -39.83
N LYS B 423 19.56 -2.90 -40.56
CA LYS B 423 19.87 -4.24 -41.09
C LYS B 423 20.22 -5.26 -40.01
N GLY B 424 19.81 -5.02 -38.76
CA GLY B 424 20.03 -5.98 -37.70
C GLY B 424 21.42 -6.03 -37.11
N ASN B 425 22.44 -5.55 -37.83
CA ASN B 425 23.82 -5.65 -37.37
C ASN B 425 24.29 -4.36 -36.70
N ALA B 426 23.41 -3.70 -35.96
CA ALA B 426 23.77 -2.53 -35.18
C ALA B 426 22.80 -2.45 -33.99
N LYS B 427 22.91 -1.36 -33.23
CA LYS B 427 22.10 -1.18 -32.04
C LYS B 427 21.95 0.31 -31.80
N ALA B 428 20.73 0.81 -31.93
CA ALA B 428 20.48 2.25 -31.75
C ALA B 428 19.07 2.42 -31.22
N LEU B 429 18.94 2.49 -29.91
CA LEU B 429 17.63 2.84 -29.36
C LEU B 429 17.83 3.92 -28.31
N SER B 430 19.03 3.99 -27.74
CA SER B 430 19.39 5.07 -26.83
C SER B 430 20.27 6.11 -27.51
N THR B 431 20.05 6.36 -28.79
CA THR B 431 20.65 7.51 -29.44
C THR B 431 19.56 8.27 -30.17
N VAL B 432 18.58 7.54 -30.70
CA VAL B 432 17.44 8.18 -31.32
C VAL B 432 16.57 8.85 -30.26
N THR B 433 16.35 8.17 -29.14
CA THR B 433 15.63 8.78 -28.02
C THR B 433 16.39 9.97 -27.46
N ALA B 434 17.72 9.85 -27.39
CA ALA B 434 18.55 10.95 -26.92
C ALA B 434 18.44 12.17 -27.82
N ILE B 435 18.47 11.96 -29.14
CA ILE B 435 18.38 13.07 -30.09
C ILE B 435 17.02 13.74 -30.01
N ILE B 436 15.94 12.95 -29.98
CA ILE B 436 14.61 13.53 -29.97
C ILE B 436 14.35 14.28 -28.66
N ASP B 437 14.78 13.73 -27.53
CA ASP B 437 14.50 14.43 -26.28
C ASP B 437 15.41 15.62 -26.04
N GLY B 438 16.66 15.59 -26.52
CA GLY B 438 17.50 16.76 -26.38
C GLY B 438 17.06 17.91 -27.26
N THR B 439 16.64 17.60 -28.49
CA THR B 439 16.07 18.63 -29.34
C THR B 439 14.71 19.08 -28.82
N GLY B 440 14.04 18.27 -28.01
CA GLY B 440 12.88 18.76 -27.30
C GLY B 440 13.22 19.75 -26.21
N SER B 441 14.21 19.42 -25.39
CA SER B 441 14.45 20.24 -24.20
C SER B 441 15.24 21.50 -24.50
N ILE B 442 15.92 21.59 -25.65
CA ILE B 442 16.50 22.87 -26.05
C ILE B 442 15.41 23.93 -26.23
N GLY B 443 14.27 23.53 -26.79
CA GLY B 443 13.13 24.44 -26.88
C GLY B 443 12.55 24.83 -25.54
N ALA B 444 12.55 23.91 -24.58
CA ALA B 444 12.12 24.24 -23.24
C ALA B 444 13.10 25.18 -22.55
N ALA B 445 14.37 25.11 -22.93
CA ALA B 445 15.32 26.09 -22.42
C ALA B 445 15.12 27.45 -23.06
N LEU B 446 14.78 27.47 -24.34
CA LEU B 446 14.55 28.73 -25.06
C LEU B 446 13.16 29.29 -24.85
N GLY B 447 12.31 28.61 -24.10
CA GLY B 447 11.06 29.17 -23.65
C GLY B 447 11.19 30.43 -22.79
N PRO B 448 11.76 30.30 -21.59
CA PRO B 448 11.94 31.47 -20.73
C PRO B 448 12.96 32.47 -21.25
N LEU B 449 13.86 32.05 -22.13
CA LEU B 449 14.79 32.99 -22.74
C LEU B 449 14.15 33.85 -23.84
N LEU B 450 12.89 33.59 -24.17
CA LEU B 450 12.15 34.45 -25.09
C LEU B 450 10.90 35.05 -24.48
N ALA B 451 10.27 34.36 -23.53
CA ALA B 451 9.05 34.88 -22.92
C ALA B 451 9.29 36.15 -22.14
N GLY B 452 10.44 36.25 -21.49
CA GLY B 452 10.83 37.47 -20.82
C GLY B 452 11.45 38.51 -21.72
N LEU B 453 11.51 38.26 -23.02
CA LEU B 453 12.04 39.23 -23.96
C LEU B 453 10.96 40.03 -24.67
N ILE B 454 9.78 39.44 -24.88
CA ILE B 454 8.69 40.16 -25.52
C ILE B 454 7.59 40.52 -24.54
N SER B 455 7.74 40.18 -23.27
CA SER B 455 6.80 40.60 -22.23
C SER B 455 6.72 42.11 -21.99
N PRO B 456 7.82 42.89 -21.91
CA PRO B 456 7.64 44.34 -21.68
C PRO B 456 7.06 45.07 -22.87
N THR B 457 7.21 44.54 -24.08
CA THR B 457 6.66 45.16 -25.28
C THR B 457 5.24 44.71 -25.57
N GLY B 458 4.50 44.32 -24.54
CA GLY B 458 3.14 43.87 -24.71
C GLY B 458 2.92 42.51 -24.08
N TRP B 459 1.71 42.29 -23.57
CA TRP B 459 1.34 41.00 -23.01
C TRP B 459 0.61 40.13 -24.02
N ASN B 460 0.53 40.56 -25.27
CA ASN B 460 -0.20 39.83 -26.29
C ASN B 460 0.71 39.40 -27.43
N ASN B 461 1.97 39.85 -27.45
CA ASN B 461 2.94 39.35 -28.42
C ASN B 461 3.26 37.88 -28.19
N VAL B 462 3.12 37.43 -26.93
CA VAL B 462 3.27 36.02 -26.57
C VAL B 462 2.31 35.14 -27.38
N PHE B 463 1.08 35.60 -27.56
CA PHE B 463 0.10 34.81 -28.28
C PHE B 463 0.43 34.73 -29.77
N TYR B 464 0.95 35.81 -30.34
CA TYR B 464 1.32 35.75 -31.75
C TYR B 464 2.57 34.90 -31.96
N MET B 465 3.49 34.88 -30.99
CA MET B 465 4.62 33.97 -31.06
C MET B 465 4.17 32.52 -30.97
N LEU B 466 3.14 32.26 -30.17
CA LEU B 466 2.53 30.94 -30.10
C LEU B 466 1.95 30.52 -31.45
N ILE B 467 1.20 31.43 -32.07
CA ILE B 467 0.56 31.11 -33.36
C ILE B 467 1.61 30.87 -34.44
N SER B 468 2.67 31.69 -34.45
CA SER B 468 3.74 31.51 -35.43
C SER B 468 4.47 30.18 -35.23
N ALA B 469 4.72 29.81 -33.97
CA ALA B 469 5.41 28.56 -33.69
C ALA B 469 4.53 27.35 -34.01
N ASP B 470 3.22 27.46 -33.83
CA ASP B 470 2.36 26.32 -34.13
C ASP B 470 2.13 26.18 -35.63
N VAL B 471 2.14 27.28 -36.38
CA VAL B 471 2.10 27.15 -37.83
C VAL B 471 3.42 26.59 -38.34
N LEU B 472 4.54 27.01 -37.75
CA LEU B 472 5.83 26.48 -38.17
C LEU B 472 6.04 25.04 -37.73
N ALA B 473 5.30 24.58 -36.71
CA ALA B 473 5.47 23.20 -36.23
C ALA B 473 4.99 22.19 -37.25
N CYS B 474 3.86 22.46 -37.90
CA CYS B 474 3.35 21.58 -38.96
C CYS B 474 3.88 21.99 -40.32
N LEU B 475 5.19 22.20 -40.39
CA LEU B 475 5.85 22.53 -41.65
C LEU B 475 7.07 21.64 -41.81
N LEU B 476 7.67 21.25 -40.70
CA LEU B 476 8.80 20.33 -40.75
C LEU B 476 8.37 18.93 -41.09
N LEU B 477 7.12 18.57 -40.84
CA LEU B 477 6.61 17.24 -41.15
C LEU B 477 6.16 17.10 -42.59
N CYS B 478 6.31 18.14 -43.41
CA CYS B 478 5.65 18.20 -44.71
C CYS B 478 6.21 17.16 -45.67
N ARG B 479 7.51 16.88 -45.56
CA ARG B 479 8.13 15.83 -46.36
C ARG B 479 7.57 14.46 -45.99
N LEU B 480 7.35 14.22 -44.70
CA LEU B 480 6.84 12.93 -44.26
C LEU B 480 5.36 12.78 -44.57
N VAL B 481 4.61 13.87 -44.53
CA VAL B 481 3.20 13.85 -44.94
C VAL B 481 3.09 13.55 -46.43
N TYR B 482 3.94 14.22 -47.24
CA TYR B 482 4.00 13.97 -48.67
C TYR B 482 4.43 12.55 -48.98
N LYS B 483 5.26 11.95 -48.12
CA LYS B 483 5.66 10.58 -48.31
C LYS B 483 4.51 9.62 -47.98
N GLU B 484 3.85 9.83 -46.85
CA GLU B 484 2.84 8.88 -46.40
C GLU B 484 1.54 8.97 -47.20
N ILE B 485 1.28 10.11 -47.85
CA ILE B 485 0.13 10.16 -48.77
C ILE B 485 0.34 9.19 -49.93
N LEU B 486 1.54 9.20 -50.52
CA LEU B 486 1.87 8.22 -51.55
C LEU B 486 1.90 6.81 -50.99
N ALA B 487 2.32 6.65 -49.73
CA ALA B 487 2.35 5.33 -49.12
C ALA B 487 0.96 4.77 -48.91
N TRP B 488 -0.02 5.63 -48.66
CA TRP B 488 -1.41 5.17 -48.65
C TRP B 488 -1.89 4.86 -50.06
N LYS B 489 -1.61 5.75 -51.02
CA LYS B 489 -2.21 5.60 -52.35
C LYS B 489 -1.62 4.45 -53.15
N VAL B 490 -0.42 3.96 -52.77
CA VAL B 490 0.10 2.72 -53.36
C VAL B 490 -0.82 1.56 -53.00
N SER B 491 -1.12 1.39 -51.71
CA SER B 491 -1.97 0.28 -51.29
C SER B 491 -3.42 0.50 -51.68
N LEU B 492 -3.83 1.75 -51.88
CA LEU B 492 -5.19 2.01 -52.32
C LEU B 492 -5.38 1.69 -53.80
N SER B 493 -4.50 2.22 -54.66
CA SER B 493 -4.69 2.09 -56.11
C SER B 493 -4.44 0.69 -56.63
N ARG B 494 -3.76 -0.17 -55.85
CA ARG B 494 -3.63 -1.56 -56.26
C ARG B 494 -4.93 -2.34 -56.14
N GLY B 495 -5.84 -1.90 -55.27
CA GLY B 495 -7.03 -2.68 -54.99
C GLY B 495 -6.68 -3.93 -54.20
N SER B 496 -6.26 -3.71 -52.94
CA SER B 496 -5.78 -4.75 -52.01
C SER B 496 -4.58 -5.49 -52.61
N GLY B 497 -3.50 -4.72 -52.81
CA GLY B 497 -2.24 -5.30 -53.25
C GLY B 497 -1.55 -6.02 -52.10
N TYR B 498 -1.07 -7.23 -52.36
CA TYR B 498 -0.51 -8.08 -51.32
C TYR B 498 0.71 -8.79 -51.91
N LYS B 499 1.16 -9.84 -51.23
CA LYS B 499 2.36 -10.60 -51.61
C LYS B 499 2.23 -11.28 -52.97
#